data_4ZCW
#
_entry.id   4ZCW
#
_cell.length_a   68.300
_cell.length_b   109.460
_cell.length_c   117.270
_cell.angle_alpha   90.000
_cell.angle_beta   90.000
_cell.angle_gamma   90.000
#
_symmetry.space_group_name_H-M   'P 21 21 21'
#
loop_
_entity.id
_entity.type
_entity.pdbx_description
1 polymer Gamma-enolase
2 non-polymer '[(3S,5S)-1,5-dihydroxy-2-oxopyrrolidin-3-yl]phosphonic acid'
3 non-polymer 'MAGNESIUM ION'
4 water water
#
_entity_poly.entity_id   1
_entity_poly.type   'polypeptide(L)'
_entity_poly.pdbx_seq_one_letter_code
;MSIEKIWAREILDSRGNPTVEVDLYTAKGLFRAAVPSGASTGIYEALELRDGDKQRYLGKGVLKAVDHINSTIAPALISS
GLSVVEQEKLDNLMLELDGTENKSKFGANAILGVSLAVCKAGAAERELPLYRHIAQLAGNSDLILPVPAFNVINGGSHAG
NKLAMQEFMILPVGAESFRDAMRLGAEVYHTLKGVIKDKYGKDATNVGDEGGFAPNILENSEALELVKEAIDKAGYTEKI
VIGMDVAASEFYRDGKYDLDFKSPTDPSRYITGDQLGALYQDFVRDYPVVSIEDPFDQDDWAAWSKFTANVGIQIVGDDL
TVTNPKRIERAVEEKACNCLLLKVNQIGSVTEAIQACKLAQENGWGVMVSHRSGETEDTFIADLVVGLCTGQIKTGAPCR
SERLAKYNQLMRIEEELGDEARFAGHNFRNPSVLHHHHHH
;
_entity_poly.pdbx_strand_id   A,B
#
# COMPACT_ATOMS: atom_id res chain seq x y z
N SER A 2 22.25 -25.09 -7.15
CA SER A 2 21.08 -24.72 -6.36
C SER A 2 20.44 -23.43 -6.93
N ILE A 3 21.24 -22.38 -6.96
CA ILE A 3 20.82 -21.07 -7.47
C ILE A 3 21.09 -20.92 -8.95
N GLU A 4 20.01 -20.83 -9.74
CA GLU A 4 20.13 -20.66 -11.19
C GLU A 4 20.43 -19.22 -11.57
N LYS A 5 19.77 -18.28 -10.90
CA LYS A 5 19.97 -16.88 -11.23
C LYS A 5 19.61 -15.98 -10.05
N ILE A 6 20.33 -14.87 -9.90
CA ILE A 6 19.92 -13.80 -9.00
C ILE A 6 19.91 -12.52 -9.81
N TRP A 7 18.77 -11.83 -9.79
CA TRP A 7 18.63 -10.58 -10.56
C TRP A 7 17.92 -9.50 -9.73
N ALA A 8 18.58 -8.35 -9.60
CA ALA A 8 18.06 -7.25 -8.82
C ALA A 8 17.57 -6.12 -9.72
N ARG A 9 16.65 -5.32 -9.20
CA ARG A 9 16.10 -4.17 -9.92
C ARG A 9 15.68 -3.09 -8.94
N GLU A 10 15.51 -1.91 -9.47
CA GLU A 10 15.02 -0.77 -8.72
C GLU A 10 13.46 -0.75 -8.84
N ILE A 11 12.75 -0.76 -7.71
CA ILE A 11 11.30 -0.53 -7.71
C ILE A 11 11.03 0.73 -6.87
N LEU A 12 9.77 1.16 -6.78
CA LEU A 12 9.42 2.26 -5.89
C LEU A 12 8.78 1.74 -4.58
N ASP A 13 9.20 2.32 -3.44
CA ASP A 13 8.60 2.00 -2.17
C ASP A 13 7.36 2.88 -1.94
N SER A 14 6.75 2.70 -0.79
CA SER A 14 5.45 3.27 -0.49
C SER A 14 5.46 4.79 -0.45
N ARG A 15 6.65 5.39 -0.29
CA ARG A 15 6.73 6.86 -0.38
C ARG A 15 7.10 7.38 -1.79
N GLY A 16 7.24 6.53 -2.80
CA GLY A 16 7.59 6.97 -4.14
C GLY A 16 9.11 7.05 -4.34
N ASN A 17 9.89 6.42 -3.45
CA ASN A 17 11.37 6.45 -3.54
C ASN A 17 11.95 5.11 -3.99
N PRO A 18 13.08 5.15 -4.71
CA PRO A 18 13.65 3.89 -5.20
C PRO A 18 14.05 2.96 -4.06
N THR A 19 13.91 1.65 -4.28
CA THR A 19 14.52 0.72 -3.37
C THR A 19 14.84 -0.56 -4.11
N VAL A 20 15.55 -1.45 -3.43
CA VAL A 20 16.03 -2.66 -4.06
C VAL A 20 15.02 -3.77 -4.03
N GLU A 21 14.84 -4.42 -5.17
CA GLU A 21 14.12 -5.69 -5.21
C GLU A 21 15.02 -6.77 -5.84
N VAL A 22 14.96 -8.00 -5.30
CA VAL A 22 15.75 -9.11 -5.79
C VAL A 22 14.90 -10.30 -6.18
N ASP A 23 15.13 -10.81 -7.39
CA ASP A 23 14.55 -12.07 -7.86
C ASP A 23 15.59 -13.21 -7.74
N LEU A 24 15.25 -14.30 -7.07
CA LEU A 24 16.14 -15.43 -7.02
C LEU A 24 15.45 -16.65 -7.64
N TYR A 25 16.12 -17.27 -8.60
CA TYR A 25 15.54 -18.40 -9.31
C TYR A 25 16.20 -19.69 -8.91
N THR A 26 15.41 -20.69 -8.55
CA THR A 26 15.89 -22.05 -8.40
C THR A 26 15.03 -22.96 -9.21
N ALA A 27 15.29 -24.25 -9.16
CA ALA A 27 14.46 -25.20 -9.88
C ALA A 27 13.01 -25.14 -9.40
N LYS A 28 12.81 -24.66 -8.19
CA LYS A 28 11.50 -24.58 -7.64
C LYS A 28 10.76 -23.32 -8.02
N GLY A 29 11.44 -22.40 -8.68
CA GLY A 29 10.80 -21.20 -9.11
C GLY A 29 11.45 -19.88 -8.79
N LEU A 30 10.63 -18.85 -8.83
CA LEU A 30 11.02 -17.49 -8.57
C LEU A 30 10.65 -17.07 -7.15
N PHE A 31 11.64 -16.52 -6.48
CA PHE A 31 11.51 -16.06 -5.13
C PHE A 31 11.92 -14.61 -5.13
N ARG A 32 11.02 -13.76 -4.69
CA ARG A 32 11.21 -12.34 -4.74
C ARG A 32 11.08 -11.60 -3.43
N ALA A 33 11.97 -10.67 -3.21
CA ALA A 33 11.95 -9.90 -1.97
C ALA A 33 12.33 -8.47 -2.21
N ALA A 34 11.90 -7.55 -1.35
CA ALA A 34 12.25 -6.14 -1.50
C ALA A 34 12.63 -5.53 -0.16
N VAL A 35 13.36 -4.43 -0.20
CA VAL A 35 13.93 -3.84 1.00
C VAL A 35 13.21 -2.56 1.42
N PRO A 36 12.90 -2.44 2.71
CA PRO A 36 12.26 -1.21 3.19
C PRO A 36 13.30 -0.11 3.47
N SER A 37 12.86 1.06 3.92
CA SER A 37 13.76 2.20 4.15
C SER A 37 13.18 3.12 5.23
N GLY A 38 13.98 3.44 6.25
CA GLY A 38 13.49 4.22 7.37
C GLY A 38 13.52 5.74 7.13
N ALA A 39 12.73 6.49 7.90
CA ALA A 39 12.79 7.96 7.84
C ALA A 39 13.56 8.54 9.07
N SER A 40 13.18 8.10 10.27
CA SER A 40 13.86 8.55 11.51
C SER A 40 14.86 7.47 11.90
N THR A 41 15.96 7.39 11.14
CA THR A 41 16.92 6.31 11.31
C THR A 41 17.90 6.61 12.45
N GLY A 42 18.25 5.57 13.23
CA GLY A 42 19.28 5.70 14.24
C GLY A 42 20.66 5.84 13.57
N ILE A 43 21.56 6.57 14.23
CA ILE A 43 22.88 6.86 13.63
C ILE A 43 23.78 5.63 13.57
N TYR A 44 23.38 4.55 14.26
CA TYR A 44 24.16 3.30 14.26
C TYR A 44 23.66 2.20 13.28
N GLU A 45 22.69 2.55 12.44
CA GLU A 45 22.14 1.59 11.48
C GLU A 45 23.16 1.25 10.44
N ALA A 46 23.16 -0.01 9.97
CA ALA A 46 23.95 -0.43 8.81
C ALA A 46 23.62 0.48 7.61
N LEU A 47 24.56 0.58 6.67
CA LEU A 47 24.50 1.60 5.62
C LEU A 47 23.47 1.35 4.53
N GLU A 48 22.53 2.28 4.37
CA GLU A 48 21.65 2.26 3.21
C GLU A 48 22.37 2.96 2.05
N LEU A 49 22.74 2.20 1.03
CA LEU A 49 23.48 2.72 -0.10
C LEU A 49 22.60 3.43 -1.16
N ARG A 50 22.72 4.75 -1.27
CA ARG A 50 22.04 5.56 -2.29
C ARG A 50 23.03 6.11 -3.32
N ASP A 51 22.55 6.38 -4.53
CA ASP A 51 23.41 6.80 -5.63
C ASP A 51 23.92 8.23 -5.47
N GLY A 52 23.08 9.13 -4.97
CA GLY A 52 23.46 10.52 -4.77
C GLY A 52 23.51 11.30 -6.07
N ASP A 53 23.02 10.72 -7.16
CA ASP A 53 22.87 11.46 -8.43
C ASP A 53 21.67 12.39 -8.36
N LYS A 54 21.95 13.68 -8.16
CA LYS A 54 20.90 14.65 -7.94
C LYS A 54 20.01 14.83 -9.20
N GLN A 55 20.42 14.29 -10.33
CA GLN A 55 19.52 14.44 -11.49
C GLN A 55 18.55 13.26 -11.65
N ARG A 56 18.57 12.29 -10.72
CA ARG A 56 17.67 11.15 -10.79
C ARG A 56 17.09 10.88 -9.41
N TYR A 57 15.78 11.05 -9.27
CA TYR A 57 15.07 10.76 -8.03
C TYR A 57 15.65 11.53 -6.88
N LEU A 58 16.14 12.74 -7.20
CA LEU A 58 16.74 13.61 -6.16
C LEU A 58 17.87 12.91 -5.40
N GLY A 59 18.60 12.03 -6.09
CA GLY A 59 19.74 11.38 -5.48
C GLY A 59 19.40 10.12 -4.72
N LYS A 60 18.14 9.67 -4.82
CA LYS A 60 17.70 8.52 -4.01
C LYS A 60 17.68 7.23 -4.81
N GLY A 61 18.28 7.23 -6.00
CA GLY A 61 18.33 5.99 -6.77
C GLY A 61 19.15 4.94 -6.06
N VAL A 62 18.95 3.68 -6.41
CA VAL A 62 19.74 2.59 -5.84
C VAL A 62 20.36 1.73 -6.94
N LEU A 63 20.73 2.37 -8.05
CA LEU A 63 21.36 1.64 -9.13
C LEU A 63 22.68 1.02 -8.70
N LYS A 64 23.42 1.72 -7.84
CA LYS A 64 24.72 1.20 -7.38
C LYS A 64 24.53 -0.10 -6.56
N ALA A 65 23.54 -0.10 -5.66
CA ALA A 65 23.26 -1.31 -4.88
C ALA A 65 22.82 -2.42 -5.83
N VAL A 66 21.98 -2.05 -6.80
CA VAL A 66 21.51 -3.08 -7.74
C VAL A 66 22.72 -3.71 -8.49
N ASP A 67 23.63 -2.85 -8.90
CA ASP A 67 24.81 -3.31 -9.64
C ASP A 67 25.71 -4.19 -8.77
N HIS A 68 25.87 -3.84 -7.50
CA HIS A 68 26.64 -4.67 -6.57
C HIS A 68 26.05 -6.07 -6.53
N ILE A 69 24.72 -6.16 -6.49
CA ILE A 69 24.09 -7.46 -6.52
C ILE A 69 24.33 -8.18 -7.83
N ASN A 70 24.02 -7.53 -8.94
CA ASN A 70 24.02 -8.23 -10.22
C ASN A 70 25.43 -8.58 -10.70
N SER A 71 26.38 -7.71 -10.38
CA SER A 71 27.76 -7.89 -10.87
C SER A 71 28.66 -8.69 -9.95
N THR A 72 28.40 -8.66 -8.64
CA THR A 72 29.36 -9.18 -7.67
C THR A 72 28.80 -10.22 -6.75
N ILE A 73 27.75 -9.87 -6.00
CA ILE A 73 27.18 -10.82 -5.03
C ILE A 73 26.63 -12.05 -5.73
N ALA A 74 25.88 -11.86 -6.83
CA ALA A 74 25.20 -12.96 -7.49
C ALA A 74 26.15 -14.02 -8.03
N PRO A 75 27.19 -13.62 -8.79
CA PRO A 75 28.09 -14.68 -9.26
C PRO A 75 28.83 -15.37 -8.12
N ALA A 76 29.13 -14.62 -7.06
CA ALA A 76 29.79 -15.18 -5.89
C ALA A 76 28.95 -16.30 -5.26
N LEU A 77 27.65 -16.03 -5.07
CA LEU A 77 26.80 -17.01 -4.40
C LEU A 77 26.50 -18.22 -5.28
N ILE A 78 26.37 -17.99 -6.57
CA ILE A 78 26.12 -19.09 -7.50
C ILE A 78 27.39 -19.93 -7.59
N SER A 79 28.56 -19.28 -7.61
CA SER A 79 29.86 -19.98 -7.66
C SER A 79 30.06 -20.86 -6.45
N SER A 80 29.50 -20.45 -5.31
CA SER A 80 29.75 -21.16 -4.05
C SER A 80 29.15 -22.57 -4.07
N GLY A 81 28.10 -22.76 -4.85
CA GLY A 81 27.40 -24.03 -4.91
C GLY A 81 26.57 -24.37 -3.67
N LEU A 82 26.53 -23.45 -2.72
CA LEU A 82 25.74 -23.68 -1.51
C LEU A 82 24.25 -23.81 -1.80
N SER A 83 23.58 -24.66 -1.05
CA SER A 83 22.15 -24.78 -1.14
C SER A 83 21.44 -23.53 -0.57
N VAL A 84 20.29 -23.16 -1.14
CA VAL A 84 19.57 -22.02 -0.59
C VAL A 84 19.05 -22.27 0.84
N VAL A 85 19.06 -23.52 1.31
CA VAL A 85 18.63 -23.77 2.68
C VAL A 85 19.69 -23.30 3.67
N GLU A 86 20.93 -23.12 3.20
CA GLU A 86 22.06 -22.76 4.05
C GLU A 86 22.11 -21.25 4.26
N GLN A 87 21.12 -20.72 4.97
CA GLN A 87 21.01 -19.28 5.16
C GLN A 87 22.29 -18.67 5.77
N GLU A 88 22.76 -19.29 6.84
CA GLU A 88 23.90 -18.74 7.58
C GLU A 88 25.18 -18.69 6.72
N LYS A 89 25.43 -19.76 5.98
CA LYS A 89 26.62 -19.81 5.14
C LYS A 89 26.55 -18.77 4.00
N LEU A 90 25.36 -18.66 3.39
CA LEU A 90 25.21 -17.71 2.28
C LEU A 90 25.30 -16.28 2.78
N ASP A 91 24.63 -16.00 3.89
CA ASP A 91 24.79 -14.69 4.51
C ASP A 91 26.24 -14.38 4.92
N ASN A 92 26.92 -15.35 5.52
CA ASN A 92 28.31 -15.13 5.97
C ASN A 92 29.19 -14.82 4.77
N LEU A 93 28.96 -15.55 3.69
CA LEU A 93 29.64 -15.28 2.44
C LEU A 93 29.48 -13.85 1.96
N MET A 94 28.25 -13.31 2.03
CA MET A 94 28.06 -11.94 1.61
C MET A 94 28.77 -10.98 2.56
N LEU A 95 28.69 -11.27 3.85
CA LEU A 95 29.31 -10.44 4.88
C LEU A 95 30.83 -10.33 4.70
N GLU A 96 31.47 -11.45 4.36
CA GLU A 96 32.93 -11.44 4.19
C GLU A 96 33.28 -10.78 2.89
N LEU A 97 32.44 -10.99 1.88
CA LEU A 97 32.63 -10.34 0.60
C LEU A 97 32.62 -8.82 0.73
N ASP A 98 31.66 -8.31 1.52
CA ASP A 98 31.56 -6.89 1.76
C ASP A 98 32.71 -6.39 2.65
N GLY A 99 33.02 -7.18 3.67
CA GLY A 99 34.19 -6.97 4.49
C GLY A 99 34.20 -5.76 5.38
N THR A 100 33.08 -5.05 5.47
CA THR A 100 33.00 -3.88 6.33
C THR A 100 32.01 -4.12 7.46
N GLU A 101 32.17 -3.43 8.58
CA GLU A 101 31.29 -3.64 9.73
C GLU A 101 29.87 -3.18 9.48
N ASN A 102 29.74 -2.01 8.85
CA ASN A 102 28.44 -1.41 8.61
CA ASN A 102 28.44 -1.42 8.60
C ASN A 102 27.92 -1.70 7.19
N LYS A 103 28.51 -2.68 6.52
CA LYS A 103 28.10 -3.06 5.16
C LYS A 103 28.16 -1.90 4.15
N SER A 104 29.20 -1.08 4.28
CA SER A 104 29.30 0.14 3.48
C SER A 104 29.95 -0.02 2.13
N LYS A 105 30.39 -1.23 1.80
CA LYS A 105 30.88 -1.50 0.47
C LYS A 105 29.76 -1.80 -0.51
N PHE A 106 28.88 -2.75 -0.16
CA PHE A 106 27.75 -3.12 -1.04
C PHE A 106 26.46 -2.39 -0.67
N GLY A 107 26.35 -2.03 0.60
CA GLY A 107 25.17 -1.45 1.18
C GLY A 107 24.36 -2.50 1.88
N ALA A 108 23.83 -2.17 3.06
CA ALA A 108 22.93 -3.08 3.75
C ALA A 108 21.70 -3.46 2.90
N ASN A 109 21.25 -2.51 2.06
CA ASN A 109 20.06 -2.75 1.26
C ASN A 109 20.34 -3.76 0.14
N ALA A 110 21.54 -3.75 -0.42
CA ALA A 110 21.94 -4.78 -1.38
C ALA A 110 22.01 -6.20 -0.74
N ILE A 111 22.72 -6.30 0.39
CA ILE A 111 22.93 -7.60 1.01
C ILE A 111 21.58 -8.16 1.53
N LEU A 112 20.79 -7.30 2.15
CA LEU A 112 19.50 -7.76 2.73
C LEU A 112 18.56 -8.30 1.65
N GLY A 113 18.53 -7.62 0.50
CA GLY A 113 17.69 -8.03 -0.61
C GLY A 113 17.94 -9.46 -0.99
N VAL A 114 19.20 -9.82 -1.12
CA VAL A 114 19.57 -11.18 -1.51
C VAL A 114 19.26 -12.13 -0.35
N SER A 115 19.61 -11.70 0.86
CA SER A 115 19.38 -12.47 2.06
C SER A 115 17.90 -12.91 2.21
N LEU A 116 17.00 -11.97 1.98
CA LEU A 116 15.55 -12.26 2.08
C LEU A 116 15.12 -13.25 1.02
N ALA A 117 15.62 -13.07 -0.20
CA ALA A 117 15.22 -13.92 -1.32
C ALA A 117 15.73 -15.35 -1.11
N VAL A 118 16.96 -15.46 -0.63
CA VAL A 118 17.54 -16.75 -0.28
C VAL A 118 16.67 -17.47 0.72
N CYS A 119 16.23 -16.75 1.73
CA CYS A 119 15.39 -17.34 2.77
C CYS A 119 14.06 -17.89 2.21
N LYS A 120 13.43 -17.15 1.30
CA LYS A 120 12.19 -17.63 0.69
C LYS A 120 12.46 -18.86 -0.18
N ALA A 121 13.49 -18.81 -1.00
CA ALA A 121 13.88 -19.98 -1.83
C ALA A 121 14.23 -21.20 -0.96
N GLY A 122 14.91 -20.95 0.16
CA GLY A 122 15.22 -21.99 1.11
C GLY A 122 14.01 -22.67 1.72
N ALA A 123 13.00 -21.87 2.07
CA ALA A 123 11.81 -22.47 2.60
C ALA A 123 11.17 -23.45 1.58
N ALA A 124 11.12 -23.04 0.32
CA ALA A 124 10.53 -23.88 -0.72
C ALA A 124 11.33 -25.18 -0.92
N GLU A 125 12.65 -25.11 -0.78
CA GLU A 125 13.52 -26.26 -0.89
C GLU A 125 13.25 -27.23 0.25
N ARG A 126 12.89 -26.70 1.42
CA ARG A 126 12.58 -27.52 2.57
C ARG A 126 11.15 -27.98 2.51
N GLU A 127 10.43 -27.48 1.52
CA GLU A 127 9.00 -27.68 1.39
C GLU A 127 8.24 -27.27 2.64
N LEU A 128 8.60 -26.08 3.12
CA LEU A 128 7.96 -25.54 4.31
C LEU A 128 7.42 -24.15 4.00
N PRO A 129 6.32 -23.76 4.64
CA PRO A 129 5.91 -22.34 4.56
C PRO A 129 7.03 -21.48 5.18
N LEU A 130 7.16 -20.27 4.69
CA LEU A 130 8.26 -19.40 5.11
C LEU A 130 8.36 -19.30 6.63
N TYR A 131 7.22 -19.12 7.32
CA TYR A 131 7.33 -18.95 8.77
C TYR A 131 7.92 -20.19 9.49
N ARG A 132 7.67 -21.39 8.97
CA ARG A 132 8.21 -22.62 9.61
C ARG A 132 9.71 -22.78 9.34
N HIS A 133 10.14 -22.44 8.14
CA HIS A 133 11.55 -22.40 7.82
C HIS A 133 12.28 -21.40 8.72
N ILE A 134 11.67 -20.24 8.90
CA ILE A 134 12.31 -19.24 9.80
C ILE A 134 12.34 -19.80 11.24
N ALA A 135 11.26 -20.45 11.64
CA ALA A 135 11.26 -21.02 12.99
C ALA A 135 12.42 -22.01 13.15
N GLN A 136 12.62 -22.85 12.14
CA GLN A 136 13.70 -23.85 12.19
C GLN A 136 15.07 -23.21 12.21
N LEU A 137 15.26 -22.16 11.41
CA LEU A 137 16.52 -21.41 11.44
C LEU A 137 16.80 -20.84 12.84
N ALA A 138 15.76 -20.50 13.57
CA ALA A 138 15.87 -19.84 14.85
C ALA A 138 15.84 -20.86 16.00
N GLY A 139 15.56 -22.12 15.70
CA GLY A 139 15.47 -23.14 16.73
C GLY A 139 14.17 -23.15 17.48
N ASN A 140 13.10 -22.69 16.83
CA ASN A 140 11.79 -22.65 17.48
C ASN A 140 10.88 -23.73 16.93
N SER A 141 9.90 -24.14 17.74
CA SER A 141 8.91 -25.13 17.27
C SER A 141 7.49 -24.67 17.53
N ASP A 142 7.32 -23.82 18.55
CA ASP A 142 5.96 -23.41 18.97
C ASP A 142 5.56 -22.02 18.52
N LEU A 143 4.97 -21.94 17.32
CA LEU A 143 4.63 -20.70 16.67
C LEU A 143 3.52 -19.92 17.39
N ILE A 144 3.54 -18.60 17.25
CA ILE A 144 2.46 -17.81 17.81
C ILE A 144 2.10 -16.65 16.87
N LEU A 145 0.81 -16.31 16.86
CA LEU A 145 0.38 -15.09 16.14
C LEU A 145 0.59 -13.88 17.07
N PRO A 146 1.13 -12.77 16.54
CA PRO A 146 1.47 -11.61 17.37
C PRO A 146 0.30 -10.71 17.65
N VAL A 147 0.43 -9.92 18.71
CA VAL A 147 -0.47 -8.78 18.85
C VAL A 147 -0.04 -7.71 17.88
N PRO A 148 -0.95 -7.18 17.06
CA PRO A 148 -0.53 -6.10 16.17
C PRO A 148 -0.54 -4.76 16.91
N ALA A 149 0.42 -3.88 16.63
CA ALA A 149 0.42 -2.57 17.23
C ALA A 149 0.24 -1.54 16.10
N PHE A 150 -0.96 -0.93 16.01
CA PHE A 150 -1.34 0.00 14.90
C PHE A 150 -1.08 1.46 15.22
N ASN A 151 -0.18 2.08 14.46
CA ASN A 151 0.16 3.48 14.70
C ASN A 151 -0.96 4.39 14.16
N VAL A 152 -1.83 4.91 15.03
CA VAL A 152 -3.00 5.68 14.59
C VAL A 152 -2.89 7.20 14.78
N ILE A 153 -2.05 7.67 15.69
CA ILE A 153 -1.81 9.11 15.75
C ILE A 153 -0.32 9.38 15.61
N ASN A 154 0.05 10.32 14.74
CA ASN A 154 1.44 10.63 14.45
C ASN A 154 1.87 12.05 14.93
N GLY A 155 3.10 12.13 15.40
CA GLY A 155 3.81 13.39 15.61
C GLY A 155 5.25 13.18 15.16
N GLY A 156 6.18 13.92 15.77
CA GLY A 156 7.58 13.69 15.46
C GLY A 156 8.05 14.40 14.20
N SER A 157 9.23 13.97 13.76
CA SER A 157 9.98 14.65 12.69
C SER A 157 9.29 14.79 11.36
N HIS A 158 8.45 13.83 11.00
CA HIS A 158 7.84 13.83 9.66
C HIS A 158 6.33 14.03 9.70
N ALA A 159 5.80 14.51 10.83
CA ALA A 159 4.41 14.89 10.87
C ALA A 159 4.32 16.41 10.88
N GLY A 160 3.30 16.94 10.20
CA GLY A 160 3.18 18.38 10.02
C GLY A 160 2.47 19.11 11.14
N ASN A 161 2.43 18.50 12.31
CA ASN A 161 1.90 19.16 13.49
C ASN A 161 3.03 19.54 14.44
N LYS A 162 2.71 20.00 15.64
CA LYS A 162 3.71 20.39 16.64
C LYS A 162 3.98 19.27 17.68
N LEU A 163 3.16 18.21 17.65
CA LEU A 163 3.29 17.03 18.52
C LEU A 163 4.68 16.46 18.38
N ALA A 164 5.40 16.36 19.51
CA ALA A 164 6.81 15.96 19.46
C ALA A 164 7.00 14.43 19.38
N MET A 165 6.22 13.69 20.16
CA MET A 165 6.42 12.22 20.20
C MET A 165 5.88 11.61 18.90
N GLN A 166 6.56 10.58 18.43
CA GLN A 166 6.39 10.16 17.06
C GLN A 166 5.10 9.33 16.80
N GLU A 167 4.83 8.34 17.64
CA GLU A 167 3.76 7.40 17.33
C GLU A 167 2.92 7.09 18.54
N PHE A 168 1.61 7.02 18.33
CA PHE A 168 0.65 6.54 19.36
C PHE A 168 -0.11 5.37 18.76
N MET A 169 0.05 4.19 19.38
CA MET A 169 -0.39 2.93 18.80
C MET A 169 -1.48 2.30 19.58
N ILE A 170 -2.32 1.49 18.92
CA ILE A 170 -3.27 0.65 19.67
C ILE A 170 -2.93 -0.80 19.50
N LEU A 171 -3.09 -1.55 20.61
CA LEU A 171 -2.73 -2.99 20.70
C LEU A 171 -3.93 -3.78 21.19
N PRO A 172 -4.58 -4.57 20.33
CA PRO A 172 -5.77 -5.30 20.79
C PRO A 172 -5.37 -6.56 21.56
N VAL A 173 -4.80 -6.38 22.75
CA VAL A 173 -4.38 -7.53 23.56
C VAL A 173 -5.52 -8.45 24.00
N GLY A 174 -6.74 -7.94 24.09
CA GLY A 174 -7.91 -8.71 24.55
C GLY A 174 -8.70 -9.31 23.38
N ALA A 175 -8.16 -9.26 22.17
CA ALA A 175 -8.83 -9.89 21.02
C ALA A 175 -8.85 -11.41 21.17
N GLU A 176 -9.75 -12.08 20.44
CA GLU A 176 -9.91 -13.55 20.50
C GLU A 176 -8.88 -14.27 19.65
N SER A 177 -8.37 -13.62 18.62
CA SER A 177 -7.50 -14.26 17.63
C SER A 177 -6.82 -13.13 16.88
N PHE A 178 -5.93 -13.47 15.95
CA PHE A 178 -5.30 -12.39 15.19
C PHE A 178 -6.35 -11.74 14.26
N ARG A 179 -7.21 -12.58 13.65
CA ARG A 179 -8.24 -12.05 12.73
C ARG A 179 -9.16 -11.10 13.50
N ASP A 180 -9.47 -11.43 14.75
CA ASP A 180 -10.28 -10.59 15.60
C ASP A 180 -9.55 -9.32 16.00
N ALA A 181 -8.22 -9.41 16.26
CA ALA A 181 -7.41 -8.23 16.53
C ALA A 181 -7.45 -7.24 15.34
N MET A 182 -7.43 -7.76 14.11
CA MET A 182 -7.55 -6.92 12.92
C MET A 182 -8.85 -6.16 12.92
N ARG A 183 -9.93 -6.85 13.28
CA ARG A 183 -11.27 -6.22 13.27
C ARG A 183 -11.34 -5.12 14.32
N LEU A 184 -10.86 -5.45 15.50
CA LEU A 184 -10.81 -4.43 16.56
C LEU A 184 -9.98 -3.20 16.15
N GLY A 185 -8.79 -3.43 15.59
CA GLY A 185 -7.96 -2.33 15.11
C GLY A 185 -8.66 -1.45 14.07
N ALA A 186 -9.26 -2.07 13.05
CA ALA A 186 -9.94 -1.35 11.98
C ALA A 186 -11.14 -0.56 12.54
N GLU A 187 -11.91 -1.18 13.42
CA GLU A 187 -13.06 -0.47 13.99
C GLU A 187 -12.64 0.74 14.82
N VAL A 188 -11.58 0.62 15.63
CA VAL A 188 -11.13 1.77 16.39
C VAL A 188 -10.56 2.85 15.45
N TYR A 189 -9.81 2.42 14.43
CA TYR A 189 -9.25 3.31 13.44
C TYR A 189 -10.35 4.13 12.77
N HIS A 190 -11.41 3.50 12.26
CA HIS A 190 -12.52 4.24 11.63
C HIS A 190 -13.26 5.10 12.64
N THR A 191 -13.35 4.64 13.88
CA THR A 191 -13.95 5.48 14.92
C THR A 191 -13.13 6.76 15.16
N LEU A 192 -11.82 6.55 15.29
CA LEU A 192 -10.90 7.66 15.50
C LEU A 192 -10.98 8.70 14.34
N LYS A 193 -11.12 8.22 13.12
CA LYS A 193 -11.21 9.11 11.98
C LYS A 193 -12.45 10.02 12.14
N GLY A 194 -13.55 9.44 12.61
CA GLY A 194 -14.79 10.21 12.85
C GLY A 194 -14.62 11.24 13.95
N VAL A 195 -13.98 10.83 15.04
CA VAL A 195 -13.68 11.75 16.15
C VAL A 195 -12.80 12.92 15.71
N ILE A 196 -11.76 12.59 14.96
CA ILE A 196 -10.85 13.64 14.52
C ILE A 196 -11.54 14.64 13.54
N LYS A 197 -12.33 14.08 12.64
CA LYS A 197 -13.10 14.89 11.72
C LYS A 197 -13.99 15.90 12.49
N ASP A 198 -14.71 15.41 13.51
CA ASP A 198 -15.65 16.26 14.26
C ASP A 198 -14.94 17.35 15.00
N LYS A 199 -13.84 17.01 15.65
CA LYS A 199 -13.14 17.93 16.53
C LYS A 199 -12.12 18.84 15.82
N TYR A 200 -11.46 18.33 14.79
CA TYR A 200 -10.36 19.08 14.20
C TYR A 200 -10.70 19.53 12.81
N GLY A 201 -11.82 19.02 12.25
CA GLY A 201 -12.32 19.47 10.95
C GLY A 201 -12.20 18.42 9.87
N LYS A 202 -12.94 18.65 8.79
CA LYS A 202 -13.00 17.74 7.67
C LYS A 202 -11.67 17.59 6.96
N ASP A 203 -10.81 18.60 7.08
CA ASP A 203 -9.49 18.55 6.40
C ASP A 203 -8.36 17.92 7.26
N ALA A 204 -8.70 17.28 8.37
CA ALA A 204 -7.66 16.86 9.31
C ALA A 204 -7.48 15.32 9.31
N THR A 205 -8.07 14.62 8.34
CA THR A 205 -8.03 13.16 8.38
C THR A 205 -7.30 12.52 7.16
N ASN A 206 -6.44 13.27 6.47
CA ASN A 206 -5.55 12.62 5.53
C ASN A 206 -4.46 11.88 6.30
N VAL A 207 -3.78 10.94 5.65
CA VAL A 207 -2.88 10.07 6.40
C VAL A 207 -1.39 10.31 6.15
N GLY A 208 -0.59 9.86 7.11
CA GLY A 208 0.87 9.95 6.95
C GLY A 208 1.42 8.68 6.31
N ASP A 209 2.75 8.57 6.34
CA ASP A 209 3.44 7.49 5.61
C ASP A 209 3.00 6.08 6.03
N GLU A 210 2.56 5.95 7.28
CA GLU A 210 2.16 4.64 7.83
C GLU A 210 0.66 4.49 8.00
N GLY A 211 -0.10 5.47 7.49
CA GLY A 211 -1.56 5.35 7.40
C GLY A 211 -2.30 5.96 8.60
N GLY A 212 -1.56 6.49 9.58
CA GLY A 212 -2.17 7.08 10.76
C GLY A 212 -2.49 8.57 10.52
N PHE A 213 -3.14 9.21 11.50
CA PHE A 213 -3.57 10.62 11.40
C PHE A 213 -2.61 11.53 12.11
N ALA A 214 -2.49 12.79 11.65
CA ALA A 214 -1.63 13.76 12.29
C ALA A 214 -2.38 15.08 12.48
N PRO A 215 -3.42 15.08 13.29
CA PRO A 215 -4.17 16.32 13.51
C PRO A 215 -3.30 17.34 14.26
N ASN A 216 -3.68 18.61 14.23
CA ASN A 216 -2.87 19.67 14.83
C ASN A 216 -3.05 19.78 16.33
N ILE A 217 -2.28 19.02 17.08
CA ILE A 217 -2.23 19.15 18.53
C ILE A 217 -0.79 19.29 18.98
N LEU A 218 -0.58 19.86 20.17
CA LEU A 218 0.80 19.95 20.69
C LEU A 218 1.04 19.07 21.90
N GLU A 219 0.00 18.90 22.71
CA GLU A 219 0.18 18.17 23.95
C GLU A 219 0.11 16.67 23.69
N ASN A 220 1.14 15.96 24.13
CA ASN A 220 1.18 14.51 23.96
C ASN A 220 0.07 13.84 24.73
N SER A 221 -0.29 14.43 25.86
CA SER A 221 -1.35 13.89 26.68
C SER A 221 -2.67 13.91 25.91
N GLU A 222 -2.81 14.90 25.04
CA GLU A 222 -4.02 15.07 24.24
C GLU A 222 -4.11 13.98 23.17
N ALA A 223 -2.97 13.56 22.65
CA ALA A 223 -2.95 12.47 21.67
C ALA A 223 -3.44 11.20 22.37
N LEU A 224 -2.95 10.96 23.58
CA LEU A 224 -3.37 9.79 24.38
C LEU A 224 -4.85 9.86 24.70
N GLU A 225 -5.35 11.08 24.93
CA GLU A 225 -6.79 11.29 25.17
C GLU A 225 -7.64 10.92 23.97
N LEU A 226 -7.23 11.37 22.79
CA LEU A 226 -7.94 11.01 21.57
C LEU A 226 -8.00 9.50 21.40
N VAL A 227 -6.87 8.85 21.58
CA VAL A 227 -6.79 7.41 21.30
C VAL A 227 -7.70 6.67 22.27
N LYS A 228 -7.56 7.00 23.56
CA LYS A 228 -8.42 6.38 24.57
C LYS A 228 -9.92 6.66 24.27
N GLU A 229 -10.22 7.88 23.85
CA GLU A 229 -11.60 8.22 23.48
C GLU A 229 -12.12 7.33 22.33
N ALA A 230 -11.29 7.12 21.31
CA ALA A 230 -11.72 6.29 20.20
C ALA A 230 -11.90 4.83 20.66
N ILE A 231 -10.99 4.34 21.49
CA ILE A 231 -11.08 2.96 22.01
C ILE A 231 -12.42 2.81 22.75
N ASP A 232 -12.72 3.76 23.61
CA ASP A 232 -13.93 3.70 24.45
C ASP A 232 -15.19 3.83 23.61
N LYS A 233 -15.16 4.74 22.66
CA LYS A 233 -16.28 4.92 21.76
C LYS A 233 -16.59 3.70 20.92
N ALA A 234 -15.60 2.93 20.56
CA ALA A 234 -15.77 1.72 19.81
C ALA A 234 -16.19 0.55 20.70
N GLY A 235 -16.25 0.75 21.99
CA GLY A 235 -16.62 -0.30 22.93
C GLY A 235 -15.58 -1.33 23.32
N TYR A 236 -14.32 -0.96 23.25
CA TYR A 236 -13.24 -1.88 23.54
C TYR A 236 -12.31 -1.49 24.67
N THR A 237 -12.84 -0.74 25.63
CA THR A 237 -12.03 -0.22 26.70
C THR A 237 -11.14 -1.24 27.38
N GLU A 238 -11.60 -2.41 27.76
CA GLU A 238 -10.61 -3.33 28.37
C GLU A 238 -9.75 -4.17 27.40
N LYS A 239 -10.19 -4.32 26.17
CA LYS A 239 -9.52 -5.12 25.19
C LYS A 239 -8.38 -4.50 24.36
N ILE A 240 -8.28 -3.18 24.37
CA ILE A 240 -7.26 -2.50 23.63
C ILE A 240 -6.45 -1.55 24.51
N VAL A 241 -5.15 -1.64 24.44
CA VAL A 241 -4.26 -0.77 25.22
C VAL A 241 -3.37 0.02 24.27
N ILE A 242 -2.46 0.82 24.83
CA ILE A 242 -1.74 1.82 24.05
C ILE A 242 -0.24 1.60 24.11
N GLY A 243 0.41 1.84 22.96
CA GLY A 243 1.85 1.82 22.91
C GLY A 243 2.28 3.17 22.36
N MET A 244 3.52 3.54 22.67
CA MET A 244 4.08 4.78 22.13
C MET A 244 5.46 4.54 21.53
N ASP A 245 5.75 5.24 20.44
CA ASP A 245 7.15 5.35 20.01
C ASP A 245 7.52 6.84 20.11
N VAL A 246 8.29 7.18 21.12
CA VAL A 246 8.61 8.57 21.37
C VAL A 246 9.62 9.04 20.33
N ALA A 247 10.58 8.18 19.98
CA ALA A 247 11.67 8.53 19.09
C ALA A 247 12.40 9.79 19.64
N ALA A 248 12.76 9.73 20.91
CA ALA A 248 13.32 10.88 21.65
C ALA A 248 14.68 11.34 21.06
N SER A 249 15.38 10.46 20.33
CA SER A 249 16.64 10.93 19.70
C SER A 249 16.35 12.14 18.78
N GLU A 250 15.14 12.20 18.22
CA GLU A 250 14.77 13.26 17.27
C GLU A 250 14.66 14.63 17.95
N PHE A 251 14.40 14.69 19.25
CA PHE A 251 14.31 16.00 19.89
C PHE A 251 15.28 16.17 21.06
N TYR A 252 16.36 15.40 21.02
CA TYR A 252 17.48 15.50 21.95
C TYR A 252 18.33 16.70 21.59
N ARG A 253 18.45 17.64 22.53
CA ARG A 253 19.20 18.89 22.30
C ARG A 253 20.13 19.16 23.45
N ASP A 254 21.45 19.09 23.19
CA ASP A 254 22.46 19.47 24.20
C ASP A 254 22.30 18.77 25.54
N GLY A 255 21.99 17.47 25.50
CA GLY A 255 21.78 16.70 26.71
C GLY A 255 20.41 16.83 27.36
N LYS A 256 19.53 17.62 26.76
CA LYS A 256 18.17 17.79 27.25
C LYS A 256 17.16 17.45 26.15
N TYR A 257 15.87 17.62 26.43
CA TYR A 257 14.83 17.17 25.51
C TYR A 257 13.82 18.25 25.19
N ASP A 258 13.58 18.47 23.90
CA ASP A 258 12.70 19.55 23.47
C ASP A 258 11.35 19.09 22.96
N LEU A 259 10.34 19.15 23.81
CA LEU A 259 9.02 18.68 23.46
C LEU A 259 8.26 19.67 22.58
N ASP A 260 8.95 20.68 22.08
CA ASP A 260 8.37 21.60 21.09
C ASP A 260 9.37 21.87 19.98
N PHE A 261 10.06 20.82 19.55
CA PHE A 261 11.20 21.02 18.64
C PHE A 261 10.80 21.44 17.23
N LYS A 262 9.52 21.41 16.91
CA LYS A 262 9.10 21.85 15.57
C LYS A 262 8.70 23.33 15.61
N SER A 263 8.83 23.94 16.77
CA SER A 263 8.63 25.38 16.93
C SER A 263 10.01 26.07 16.98
N PRO A 264 10.05 27.39 16.68
CA PRO A 264 11.36 28.09 16.65
C PRO A 264 12.17 27.89 17.93
N THR A 265 13.44 27.55 17.74
CA THR A 265 14.33 27.14 18.82
C THR A 265 14.30 28.10 20.01
N ASP A 266 14.19 27.53 21.20
CA ASP A 266 14.12 28.28 22.45
C ASP A 266 14.56 27.37 23.60
N PRO A 267 15.86 27.39 23.92
CA PRO A 267 16.48 26.46 24.87
C PRO A 267 15.88 26.45 26.28
N SER A 268 15.17 27.50 26.69
CA SER A 268 14.61 27.51 28.04
C SER A 268 13.48 26.49 28.24
N ARG A 269 12.86 26.09 27.14
CA ARG A 269 11.76 25.11 27.20
C ARG A 269 12.27 23.65 27.38
N TYR A 270 13.56 23.41 27.11
CA TYR A 270 14.10 22.04 27.16
C TYR A 270 13.90 21.45 28.55
N ILE A 271 13.67 20.13 28.61
CA ILE A 271 13.52 19.46 29.92
C ILE A 271 14.58 18.37 30.09
N THR A 272 14.81 17.96 31.32
CA THR A 272 15.81 16.95 31.63
C THR A 272 15.27 15.53 31.37
N GLY A 273 16.18 14.57 31.28
CA GLY A 273 15.80 13.18 31.23
C GLY A 273 14.90 12.78 32.40
N ASP A 274 15.19 13.24 33.61
CA ASP A 274 14.38 12.92 34.75
C ASP A 274 12.99 13.52 34.62
N GLN A 275 12.89 14.76 34.13
CA GLN A 275 11.58 15.36 33.93
C GLN A 275 10.79 14.59 32.86
N LEU A 276 11.49 14.18 31.80
CA LEU A 276 10.84 13.38 30.73
C LEU A 276 10.34 12.02 31.35
N GLY A 277 11.18 11.39 32.17
CA GLY A 277 10.80 10.14 32.83
C GLY A 277 9.56 10.33 33.71
N ALA A 278 9.46 11.46 34.39
CA ALA A 278 8.31 11.74 35.25
C ALA A 278 7.06 11.91 34.40
N LEU A 279 7.22 12.54 33.24
CA LEU A 279 6.10 12.73 32.32
C LEU A 279 5.53 11.37 31.85
N TYR A 280 6.44 10.46 31.50
CA TYR A 280 6.03 9.09 31.13
C TYR A 280 5.31 8.37 32.27
N GLN A 281 5.79 8.52 33.51
CA GLN A 281 5.15 7.89 34.67
C GLN A 281 3.68 8.37 34.78
N ASP A 282 3.47 9.65 34.52
CA ASP A 282 2.12 10.23 34.51
C ASP A 282 1.26 9.66 33.39
N PHE A 283 1.85 9.46 32.22
CA PHE A 283 1.13 8.83 31.10
C PHE A 283 0.66 7.43 31.50
N VAL A 284 1.56 6.64 32.07
CA VAL A 284 1.26 5.25 32.45
C VAL A 284 0.19 5.21 33.55
N ARG A 285 0.13 6.27 34.34
CA ARG A 285 -0.84 6.34 35.42
C ARG A 285 -2.21 6.73 34.82
N ASP A 286 -2.21 7.70 33.92
CA ASP A 286 -3.45 8.25 33.45
C ASP A 286 -4.08 7.52 32.26
N TYR A 287 -3.26 6.77 31.52
CA TYR A 287 -3.74 6.13 30.32
C TYR A 287 -3.24 4.69 30.30
N PRO A 288 -3.88 3.79 29.53
CA PRO A 288 -3.42 2.37 29.54
C PRO A 288 -2.20 2.16 28.58
N VAL A 289 -1.13 2.88 28.87
CA VAL A 289 0.11 2.76 28.11
C VAL A 289 0.89 1.57 28.64
N VAL A 290 1.11 0.55 27.81
CA VAL A 290 1.82 -0.65 28.25
C VAL A 290 3.21 -0.84 27.65
N SER A 291 3.60 0.09 26.78
CA SER A 291 4.85 -0.03 26.05
C SER A 291 5.34 1.34 25.61
N ILE A 292 6.62 1.63 25.85
CA ILE A 292 7.20 2.86 25.35
C ILE A 292 8.51 2.55 24.67
N GLU A 293 8.60 3.03 23.42
CA GLU A 293 9.74 2.81 22.57
C GLU A 293 10.56 4.08 22.44
N ASP A 294 11.89 3.93 22.42
CA ASP A 294 12.84 5.06 22.42
C ASP A 294 12.43 6.25 23.35
N PRO A 295 12.20 5.96 24.63
CA PRO A 295 11.86 7.06 25.58
C PRO A 295 12.99 8.13 25.75
N PHE A 296 14.23 7.73 25.46
CA PHE A 296 15.36 8.65 25.61
C PHE A 296 16.28 8.55 24.40
N ASP A 297 17.23 9.48 24.30
CA ASP A 297 18.15 9.50 23.17
C ASP A 297 18.94 8.19 23.05
N GLN A 298 19.29 7.86 21.81
CA GLN A 298 20.09 6.70 21.47
C GLN A 298 21.44 6.65 22.18
N ASP A 299 21.95 7.75 22.73
CA ASP A 299 23.21 7.71 23.47
C ASP A 299 23.02 7.95 24.99
N ASP A 300 21.79 8.19 25.44
CA ASP A 300 21.55 8.59 26.84
C ASP A 300 21.34 7.39 27.76
N TRP A 301 22.35 6.52 27.85
CA TRP A 301 22.19 5.21 28.50
C TRP A 301 21.71 5.28 29.96
N ALA A 302 22.21 6.27 30.70
CA ALA A 302 21.90 6.35 32.11
C ALA A 302 20.40 6.60 32.31
N ALA A 303 19.83 7.43 31.44
CA ALA A 303 18.41 7.74 31.56
C ALA A 303 17.56 6.49 31.22
N TRP A 304 17.95 5.72 30.21
CA TRP A 304 17.27 4.45 29.90
C TRP A 304 17.30 3.50 31.10
N SER A 305 18.49 3.29 31.67
CA SER A 305 18.63 2.32 32.76
C SER A 305 17.84 2.68 33.96
N LYS A 306 17.88 3.98 34.28
CA LYS A 306 17.16 4.53 35.44
C LYS A 306 15.64 4.37 35.26
N PHE A 307 15.13 4.70 34.08
CA PHE A 307 13.69 4.58 33.85
C PHE A 307 13.20 3.10 33.89
N THR A 308 13.94 2.27 33.19
CA THR A 308 13.58 0.85 33.10
C THR A 308 13.54 0.21 34.49
N ALA A 309 14.45 0.62 35.35
CA ALA A 309 14.50 0.02 36.68
C ALA A 309 13.34 0.47 37.57
N ASN A 310 12.66 1.53 37.14
CA ASN A 310 11.60 2.11 37.94
C ASN A 310 10.21 2.05 37.36
N VAL A 311 9.99 1.28 36.31
CA VAL A 311 8.64 1.11 35.75
C VAL A 311 8.39 -0.37 35.51
N GLY A 312 7.12 -0.75 35.38
CA GLY A 312 6.83 -2.15 35.18
C GLY A 312 6.41 -2.45 33.75
N ILE A 313 6.40 -1.43 32.88
CA ILE A 313 5.91 -1.62 31.50
C ILE A 313 7.01 -2.08 30.53
N GLN A 314 6.62 -2.37 29.30
CA GLN A 314 7.61 -2.68 28.26
C GLN A 314 8.37 -1.43 27.77
N ILE A 315 9.69 -1.53 27.66
CA ILE A 315 10.57 -0.44 27.27
C ILE A 315 11.37 -0.94 26.09
N VAL A 316 11.15 -0.30 24.96
CA VAL A 316 11.63 -0.81 23.66
C VAL A 316 12.80 -0.01 23.11
N GLY A 317 13.91 -0.70 22.84
CA GLY A 317 15.03 -0.06 22.18
C GLY A 317 14.81 -0.14 20.66
N ASP A 318 14.91 0.98 19.97
CA ASP A 318 14.85 1.04 18.50
C ASP A 318 16.13 1.70 17.98
N ASP A 319 16.21 3.01 18.08
CA ASP A 319 17.47 3.67 17.71
C ASP A 319 18.58 3.35 18.70
N LEU A 320 18.22 2.97 19.93
CA LEU A 320 19.19 2.58 20.93
C LEU A 320 19.96 1.33 20.50
N THR A 321 19.23 0.31 20.00
CA THR A 321 19.80 -1.02 19.81
C THR A 321 20.10 -1.31 18.32
N VAL A 322 19.42 -0.61 17.41
CA VAL A 322 19.41 -0.84 15.95
C VAL A 322 19.61 -2.28 15.49
N THR A 323 18.91 -3.21 16.13
CA THR A 323 18.92 -4.62 15.75
C THR A 323 20.39 -5.15 15.68
N ASN A 324 21.25 -4.61 16.54
CA ASN A 324 22.70 -4.88 16.45
C ASN A 324 23.20 -5.58 17.73
N PRO A 325 23.65 -6.85 17.58
CA PRO A 325 24.07 -7.65 18.74
C PRO A 325 25.04 -6.92 19.66
N LYS A 326 25.98 -6.14 19.11
CA LYS A 326 26.93 -5.35 19.90
C LYS A 326 26.18 -4.35 20.78
N ARG A 327 25.20 -3.66 20.21
CA ARG A 327 24.51 -2.66 20.99
C ARG A 327 23.52 -3.32 21.95
N ILE A 328 22.98 -4.45 21.52
CA ILE A 328 22.05 -5.18 22.37
C ILE A 328 22.76 -5.72 23.63
N GLU A 329 23.94 -6.27 23.43
CA GLU A 329 24.66 -6.82 24.58
C GLU A 329 24.95 -5.74 25.62
N ARG A 330 25.28 -4.55 25.13
CA ARG A 330 25.50 -3.42 26.02
C ARG A 330 24.19 -3.08 26.75
N ALA A 331 23.08 -3.12 26.02
CA ALA A 331 21.80 -2.76 26.60
C ALA A 331 21.41 -3.82 27.64
N VAL A 332 21.76 -5.07 27.33
CA VAL A 332 21.47 -6.13 28.29
C VAL A 332 22.26 -5.91 29.58
N GLU A 333 23.55 -5.65 29.42
CA GLU A 333 24.45 -5.50 30.58
C GLU A 333 24.01 -4.31 31.46
N GLU A 334 23.60 -3.22 30.85
CA GLU A 334 23.22 -2.02 31.61
C GLU A 334 21.73 -1.99 31.93
N LYS A 335 21.03 -3.07 31.58
CA LYS A 335 19.58 -3.10 31.77
C LYS A 335 18.92 -1.81 31.27
N ALA A 336 19.26 -1.40 30.05
CA ALA A 336 18.73 -0.14 29.48
C ALA A 336 17.24 -0.25 29.05
N CYS A 337 16.81 -1.44 28.64
CA CYS A 337 15.44 -1.62 28.13
C CYS A 337 15.08 -3.06 28.32
N ASN A 338 13.88 -3.49 27.91
CA ASN A 338 13.51 -4.91 28.08
C ASN A 338 12.77 -5.50 26.86
N CYS A 339 12.85 -4.80 25.74
CA CYS A 339 12.31 -5.28 24.50
C CYS A 339 13.17 -4.74 23.35
N LEU A 340 13.38 -5.57 22.33
CA LEU A 340 14.09 -5.18 21.15
C LEU A 340 13.11 -4.89 20.00
N LEU A 341 13.28 -3.75 19.30
CA LEU A 341 12.54 -3.55 18.09
C LEU A 341 13.37 -4.16 16.97
N LEU A 342 12.81 -5.11 16.25
CA LEU A 342 13.58 -5.88 15.26
C LEU A 342 13.33 -5.35 13.85
N LYS A 343 14.36 -4.72 13.29
CA LYS A 343 14.28 -4.19 11.93
C LYS A 343 15.37 -4.84 11.09
N VAL A 344 14.98 -5.79 10.22
CA VAL A 344 16.01 -6.53 9.47
C VAL A 344 16.96 -5.61 8.66
N ASN A 345 16.47 -4.49 8.13
CA ASN A 345 17.36 -3.60 7.35
C ASN A 345 18.24 -2.68 8.25
N GLN A 346 18.04 -2.69 9.57
CA GLN A 346 18.94 -1.96 10.46
C GLN A 346 20.28 -2.71 10.56
N ILE A 347 20.26 -4.03 10.33
CA ILE A 347 21.46 -4.82 10.52
C ILE A 347 21.88 -5.44 9.18
N GLY A 348 20.94 -5.81 8.29
CA GLY A 348 21.29 -6.08 6.89
C GLY A 348 21.28 -7.54 6.44
N SER A 349 20.96 -8.48 7.31
CA SER A 349 20.86 -9.89 6.88
C SER A 349 19.87 -10.61 7.74
N VAL A 350 19.27 -11.66 7.19
CA VAL A 350 18.34 -12.48 7.95
C VAL A 350 19.04 -13.19 9.14
N THR A 351 20.22 -13.71 8.87
CA THR A 351 20.97 -14.43 9.90
C THR A 351 21.24 -13.56 11.13
N GLU A 352 21.72 -12.35 10.88
CA GLU A 352 22.04 -11.47 12.01
C GLU A 352 20.81 -11.00 12.75
N ALA A 353 19.71 -10.79 12.03
CA ALA A 353 18.45 -10.37 12.68
C ALA A 353 17.97 -11.48 13.57
N ILE A 354 18.08 -12.73 13.11
CA ILE A 354 17.65 -13.85 13.93
C ILE A 354 18.55 -13.96 15.17
N GLN A 355 19.84 -13.74 14.98
CA GLN A 355 20.76 -13.73 16.12
C GLN A 355 20.43 -12.60 17.10
N ALA A 356 20.09 -11.43 16.60
CA ALA A 356 19.71 -10.35 17.47
C ALA A 356 18.47 -10.72 18.25
N CYS A 357 17.50 -11.36 17.59
CA CYS A 357 16.28 -11.77 18.28
C CYS A 357 16.57 -12.80 19.38
N LYS A 358 17.36 -13.81 19.06
CA LYS A 358 17.66 -14.84 20.03
CA LYS A 358 17.73 -14.85 20.01
C LYS A 358 18.44 -14.26 21.24
N LEU A 359 19.34 -13.32 20.99
CA LEU A 359 20.06 -12.65 22.07
C LEU A 359 19.13 -11.90 23.03
N ALA A 360 18.16 -11.16 22.49
CA ALA A 360 17.13 -10.52 23.31
C ALA A 360 16.31 -11.57 24.11
N GLN A 361 15.81 -12.57 23.39
CA GLN A 361 14.92 -13.54 24.00
C GLN A 361 15.63 -14.36 25.08
N GLU A 362 16.92 -14.67 24.88
CA GLU A 362 17.75 -15.38 25.86
C GLU A 362 17.84 -14.62 27.17
N ASN A 363 17.75 -13.30 27.08
CA ASN A 363 17.94 -12.46 28.25
C ASN A 363 16.61 -11.96 28.83
N GLY A 364 15.52 -12.64 28.47
CA GLY A 364 14.23 -12.34 29.08
C GLY A 364 13.54 -11.12 28.45
N TRP A 365 14.13 -10.58 27.37
CA TRP A 365 13.50 -9.44 26.69
C TRP A 365 12.32 -9.82 25.81
N GLY A 366 11.39 -8.91 25.57
CA GLY A 366 10.44 -9.07 24.48
C GLY A 366 11.12 -8.72 23.14
N VAL A 367 10.45 -9.05 22.05
CA VAL A 367 10.90 -8.63 20.73
C VAL A 367 9.66 -8.21 19.96
N MET A 368 9.69 -7.02 19.34
CA MET A 368 8.60 -6.54 18.50
C MET A 368 9.15 -6.34 17.07
N VAL A 369 8.64 -7.10 16.15
CA VAL A 369 9.06 -7.01 14.76
C VAL A 369 8.48 -5.74 14.18
N SER A 370 9.20 -5.07 13.32
CA SER A 370 8.73 -3.81 12.77
C SER A 370 9.04 -3.48 11.34
N HIS A 371 8.13 -2.76 10.74
CA HIS A 371 8.25 -2.16 9.44
C HIS A 371 9.20 -0.93 9.52
N ARG A 372 9.39 -0.29 8.40
CA ARG A 372 10.07 0.99 8.28
C ARG A 372 8.98 1.95 7.73
N SER A 373 9.19 3.26 7.84
CA SER A 373 8.23 4.21 7.29
CA SER A 373 8.21 4.18 7.29
C SER A 373 8.13 4.03 5.77
N GLY A 374 9.24 3.67 5.14
CA GLY A 374 9.24 3.41 3.71
C GLY A 374 9.14 1.88 3.50
N GLU A 375 7.99 1.38 3.04
CA GLU A 375 7.73 -0.06 2.91
C GLU A 375 7.42 -0.38 1.50
N THR A 376 7.23 -1.68 1.27
CA THR A 376 6.86 -2.18 -0.05
C THR A 376 5.73 -3.17 0.08
N GLU A 377 5.28 -3.72 -1.03
CA GLU A 377 4.29 -4.77 -1.04
C GLU A 377 4.86 -6.12 -0.48
N ASP A 378 6.13 -6.15 -0.09
CA ASP A 378 6.77 -7.34 0.49
C ASP A 378 6.13 -7.72 1.82
N THR A 379 5.93 -9.01 2.11
CA THR A 379 5.31 -9.41 3.38
C THR A 379 6.23 -10.32 4.21
N PHE A 380 7.52 -10.31 3.93
CA PHE A 380 8.45 -11.13 4.72
C PHE A 380 8.29 -11.00 6.25
N ILE A 381 8.16 -9.77 6.77
CA ILE A 381 8.19 -9.64 8.24
C ILE A 381 6.94 -10.29 8.92
N ALA A 382 5.90 -10.57 8.17
CA ALA A 382 4.73 -11.27 8.72
C ALA A 382 5.14 -12.72 9.05
N ASP A 383 5.78 -13.41 8.09
CA ASP A 383 6.32 -14.75 8.39
C ASP A 383 7.44 -14.72 9.44
N LEU A 384 8.25 -13.67 9.40
CA LEU A 384 9.33 -13.50 10.36
C LEU A 384 8.78 -13.44 11.81
N VAL A 385 7.75 -12.64 12.07
CA VAL A 385 7.33 -12.48 13.43
C VAL A 385 6.71 -13.79 13.99
N VAL A 386 6.08 -14.54 13.10
CA VAL A 386 5.43 -15.81 13.51
C VAL A 386 6.52 -16.85 13.76
N GLY A 387 7.45 -16.98 12.81
CA GLY A 387 8.59 -17.91 12.93
C GLY A 387 9.51 -17.62 14.13
N LEU A 388 9.67 -16.32 14.45
CA LEU A 388 10.50 -15.98 15.63
C LEU A 388 9.68 -16.05 16.93
N CYS A 389 8.37 -16.31 16.80
CA CYS A 389 7.49 -16.41 17.96
C CYS A 389 7.54 -15.20 18.90
N THR A 390 7.61 -13.95 18.41
CA THR A 390 7.88 -12.86 19.33
C THR A 390 6.59 -12.36 20.02
N GLY A 391 5.43 -12.58 19.43
CA GLY A 391 4.17 -12.14 20.05
C GLY A 391 3.76 -10.73 19.74
N GLN A 392 4.57 -9.96 18.98
CA GLN A 392 4.19 -8.55 18.73
C GLN A 392 4.83 -8.01 17.47
N ILE A 393 4.04 -7.28 16.71
CA ILE A 393 4.56 -6.70 15.48
C ILE A 393 3.94 -5.31 15.33
N LYS A 394 4.72 -4.34 14.89
CA LYS A 394 4.10 -3.09 14.47
C LYS A 394 4.41 -2.87 13.01
N THR A 395 3.36 -2.68 12.19
CA THR A 395 3.66 -2.55 10.80
C THR A 395 2.57 -1.69 10.15
N GLY A 396 2.13 -0.69 10.91
CA GLY A 396 1.36 0.39 10.36
C GLY A 396 -0.03 0.43 10.94
N ALA A 397 -0.72 1.53 10.62
CA ALA A 397 -2.17 1.62 10.81
C ALA A 397 -2.81 0.56 9.90
N PRO A 398 -4.11 0.26 10.15
CA PRO A 398 -4.80 -0.65 9.23
C PRO A 398 -5.23 0.11 7.98
N CYS A 399 -4.30 0.69 7.25
CA CYS A 399 -4.60 1.57 6.14
C CYS A 399 -3.32 1.70 5.33
N ARG A 400 -3.45 1.64 4.00
CA ARG A 400 -2.33 1.61 3.00
C ARG A 400 -1.80 0.18 2.85
N SER A 401 -1.76 -0.33 1.63
CA SER A 401 -1.53 -1.75 1.53
C SER A 401 -0.07 -2.17 1.77
N GLU A 402 0.90 -1.26 1.83
CA GLU A 402 2.23 -1.73 2.26
C GLU A 402 2.15 -2.13 3.75
N ARG A 403 1.10 -1.67 4.45
CA ARG A 403 0.84 -2.10 5.84
C ARG A 403 -0.15 -3.28 5.82
N LEU A 404 -1.30 -3.15 5.15
CA LEU A 404 -2.26 -4.28 5.18
C LEU A 404 -1.70 -5.54 4.55
N ALA A 405 -0.74 -5.42 3.60
CA ALA A 405 -0.22 -6.65 3.01
C ALA A 405 0.37 -7.54 4.11
N LYS A 406 1.02 -6.97 5.11
CA LYS A 406 1.57 -7.77 6.23
C LYS A 406 0.46 -8.30 7.13
N TYR A 407 -0.47 -7.42 7.52
CA TYR A 407 -1.58 -7.86 8.38
C TYR A 407 -2.42 -8.97 7.66
N ASN A 408 -2.68 -8.80 6.36
CA ASN A 408 -3.45 -9.82 5.61
C ASN A 408 -2.70 -11.14 5.60
N GLN A 409 -1.39 -11.07 5.45
CA GLN A 409 -0.59 -12.29 5.45
C GLN A 409 -0.64 -12.98 6.81
N LEU A 410 -0.65 -12.21 7.88
CA LEU A 410 -0.76 -12.81 9.24
C LEU A 410 -2.14 -13.47 9.37
N MET A 411 -3.17 -12.89 8.75
CA MET A 411 -4.50 -13.52 8.82
C MET A 411 -4.49 -14.84 8.03
N ARG A 412 -3.82 -14.87 6.90
CA ARG A 412 -3.64 -16.13 6.13
C ARG A 412 -2.84 -17.18 6.93
N ILE A 413 -1.79 -16.72 7.58
CA ILE A 413 -1.00 -17.64 8.40
C ILE A 413 -1.81 -18.25 9.55
N GLU A 414 -2.57 -17.43 10.25
CA GLU A 414 -3.43 -17.91 11.32
C GLU A 414 -4.39 -18.96 10.77
N GLU A 415 -4.98 -18.68 9.62
CA GLU A 415 -5.90 -19.60 8.96
C GLU A 415 -5.21 -20.94 8.64
N GLU A 416 -4.02 -20.87 8.07
CA GLU A 416 -3.27 -22.07 7.72
C GLU A 416 -2.85 -22.89 8.93
N LEU A 417 -2.49 -22.25 10.03
CA LEU A 417 -2.06 -22.99 11.21
C LEU A 417 -3.25 -23.67 11.80
N GLY A 418 -4.44 -23.20 11.46
CA GLY A 418 -5.67 -23.86 11.87
C GLY A 418 -5.82 -24.00 13.38
N ASP A 419 -6.24 -25.19 13.79
CA ASP A 419 -6.54 -25.48 15.20
C ASP A 419 -5.31 -25.25 16.12
N GLU A 420 -4.12 -25.21 15.52
CA GLU A 420 -2.85 -25.02 16.22
C GLU A 420 -2.46 -23.54 16.33
N ALA A 421 -3.31 -22.67 15.75
CA ALA A 421 -2.99 -21.24 15.87
C ALA A 421 -3.25 -20.73 17.31
N ARG A 422 -2.21 -20.15 17.95
CA ARG A 422 -2.33 -19.47 19.23
CA ARG A 422 -2.43 -19.44 19.19
C ARG A 422 -2.02 -17.97 19.11
N PHE A 423 -2.74 -17.13 19.83
CA PHE A 423 -2.63 -15.69 19.73
C PHE A 423 -2.01 -15.17 21.04
N ALA A 424 -0.99 -14.32 20.95
CA ALA A 424 -0.22 -13.88 22.13
C ALA A 424 -1.06 -13.14 23.18
N GLY A 425 -2.04 -12.37 22.74
CA GLY A 425 -2.92 -11.63 23.64
C GLY A 425 -2.16 -10.80 24.71
N HIS A 426 -2.58 -10.95 25.96
CA HIS A 426 -1.95 -10.25 27.06
C HIS A 426 -0.53 -10.71 27.35
N ASN A 427 -0.09 -11.79 26.70
CA ASN A 427 1.32 -12.23 26.80
C ASN A 427 2.21 -11.83 25.63
N PHE A 428 1.91 -10.68 25.02
CA PHE A 428 2.69 -10.21 23.90
C PHE A 428 4.16 -10.00 24.31
N ARG A 429 4.42 -9.65 25.57
CA ARG A 429 5.81 -9.46 26.02
C ARG A 429 6.56 -10.79 26.13
N ASN A 430 5.84 -11.84 26.56
CA ASN A 430 6.47 -13.13 26.88
C ASN A 430 5.62 -14.31 26.42
N PRO A 431 5.51 -14.52 25.10
CA PRO A 431 4.51 -15.52 24.62
C PRO A 431 4.95 -16.95 24.88
N SER A 432 6.19 -17.17 25.27
CA SER A 432 6.64 -18.54 25.53
C SER A 432 5.86 -19.23 26.68
N VAL A 433 5.08 -18.48 27.47
CA VAL A 433 4.35 -19.14 28.55
C VAL A 433 3.04 -19.73 28.08
N LEU A 434 2.74 -19.65 26.79
CA LEU A 434 1.47 -20.14 26.27
C LEU A 434 1.57 -21.54 25.65
N SER B 2 -9.59 -30.09 -13.48
CA SER B 2 -8.64 -28.98 -13.58
C SER B 2 -8.61 -28.20 -12.26
N ILE B 3 -9.77 -27.75 -11.78
CA ILE B 3 -9.79 -27.01 -10.52
C ILE B 3 -9.91 -27.97 -9.33
N GLU B 4 -8.86 -28.02 -8.52
CA GLU B 4 -8.82 -28.88 -7.34
C GLU B 4 -9.54 -28.31 -6.14
N LYS B 5 -9.34 -27.01 -5.89
CA LYS B 5 -10.04 -26.36 -4.78
C LYS B 5 -10.07 -24.84 -4.98
N ILE B 6 -11.16 -24.24 -4.50
CA ILE B 6 -11.33 -22.81 -4.40
C ILE B 6 -11.67 -22.44 -2.96
N TRP B 7 -10.92 -21.50 -2.40
CA TRP B 7 -11.20 -21.07 -1.05
C TRP B 7 -11.16 -19.55 -0.97
N ALA B 8 -12.23 -18.94 -0.50
CA ALA B 8 -12.29 -17.50 -0.39
C ALA B 8 -12.13 -17.08 1.10
N ARG B 9 -11.66 -15.86 1.31
CA ARG B 9 -11.55 -15.30 2.64
C ARG B 9 -11.71 -13.77 2.59
N GLU B 10 -12.00 -13.19 3.75
CA GLU B 10 -12.09 -11.76 3.95
C GLU B 10 -10.68 -11.20 4.29
N ILE B 11 -10.18 -10.25 3.50
CA ILE B 11 -8.99 -9.49 3.86
C ILE B 11 -9.34 -8.00 3.97
N LEU B 12 -8.37 -7.16 4.33
CA LEU B 12 -8.65 -5.72 4.33
C LEU B 12 -8.04 -5.01 3.10
N ASP B 13 -8.80 -4.10 2.50
CA ASP B 13 -8.30 -3.31 1.38
C ASP B 13 -7.52 -2.07 1.90
N SER B 14 -7.02 -1.27 0.98
CA SER B 14 -6.12 -0.19 1.32
C SER B 14 -6.74 0.89 2.20
N ARG B 15 -8.07 0.93 2.31
CA ARG B 15 -8.79 1.85 3.21
C ARG B 15 -9.12 1.21 4.58
N GLY B 16 -8.78 -0.06 4.78
CA GLY B 16 -9.06 -0.71 6.02
C GLY B 16 -10.44 -1.35 6.06
N ASN B 17 -11.06 -1.54 4.89
CA ASN B 17 -12.39 -2.18 4.85
C ASN B 17 -12.29 -3.60 4.29
N PRO B 18 -13.21 -4.48 4.73
CA PRO B 18 -13.15 -5.87 4.24
C PRO B 18 -13.32 -5.98 2.73
N THR B 19 -12.63 -6.93 2.12
CA THR B 19 -12.94 -7.26 0.73
C THR B 19 -12.63 -8.72 0.49
N VAL B 20 -13.02 -9.18 -0.69
CA VAL B 20 -12.92 -10.60 -1.05
C VAL B 20 -11.52 -10.94 -1.59
N GLU B 21 -10.93 -12.03 -1.08
CA GLU B 21 -9.75 -12.61 -1.70
C GLU B 21 -10.05 -14.09 -1.99
N VAL B 22 -9.58 -14.57 -3.15
CA VAL B 22 -9.80 -15.94 -3.54
C VAL B 22 -8.48 -16.71 -3.84
N ASP B 23 -8.34 -17.89 -3.24
CA ASP B 23 -7.29 -18.83 -3.55
C ASP B 23 -7.85 -19.94 -4.44
N LEU B 24 -7.23 -20.16 -5.59
CA LEU B 24 -7.63 -21.23 -6.48
C LEU B 24 -6.45 -22.17 -6.75
N TYR B 25 -6.68 -23.46 -6.53
CA TYR B 25 -5.63 -24.49 -6.65
C TYR B 25 -5.79 -25.39 -7.88
N THR B 26 -4.72 -25.52 -8.63
CA THR B 26 -4.64 -26.49 -9.70
C THR B 26 -3.40 -27.31 -9.46
N ALA B 27 -3.09 -28.23 -10.39
CA ALA B 27 -1.90 -29.05 -10.28
C ALA B 27 -0.63 -28.21 -10.26
N LYS B 28 -0.70 -27.03 -10.87
CA LYS B 28 0.49 -26.17 -10.99
C LYS B 28 0.62 -25.20 -9.79
N GLY B 29 -0.35 -25.23 -8.88
CA GLY B 29 -0.17 -24.52 -7.63
C GLY B 29 -1.27 -23.58 -7.19
N LEU B 30 -0.84 -22.57 -6.43
CA LEU B 30 -1.80 -21.65 -5.81
C LEU B 30 -1.92 -20.37 -6.61
N PHE B 31 -3.15 -19.91 -6.89
CA PHE B 31 -3.37 -18.67 -7.65
C PHE B 31 -4.32 -17.78 -6.89
N ARG B 32 -3.85 -16.57 -6.59
CA ARG B 32 -4.52 -15.74 -5.61
C ARG B 32 -4.93 -14.40 -6.22
N ALA B 33 -6.16 -14.00 -5.93
CA ALA B 33 -6.62 -12.72 -6.43
C ALA B 33 -7.48 -12.05 -5.38
N ALA B 34 -7.56 -10.71 -5.43
CA ALA B 34 -8.38 -9.95 -4.50
C ALA B 34 -9.16 -8.91 -5.25
N VAL B 35 -10.24 -8.44 -4.65
CA VAL B 35 -11.19 -7.55 -5.33
C VAL B 35 -11.13 -6.14 -4.80
N PRO B 36 -11.11 -5.14 -5.66
CA PRO B 36 -11.10 -3.76 -5.21
C PRO B 36 -12.50 -3.24 -4.89
N SER B 37 -12.59 -2.02 -4.40
CA SER B 37 -13.89 -1.44 -4.02
C SER B 37 -13.93 0.09 -4.23
N GLY B 38 -14.93 0.59 -4.93
CA GLY B 38 -14.98 1.99 -5.27
C GLY B 38 -15.51 2.81 -4.13
N ALA B 39 -15.22 4.10 -4.17
CA ALA B 39 -15.73 5.10 -3.22
C ALA B 39 -16.83 5.92 -3.85
N SER B 40 -16.59 6.45 -5.05
CA SER B 40 -17.62 7.21 -5.80
C SER B 40 -18.21 6.30 -6.87
N THR B 41 -19.05 5.36 -6.46
CA THR B 41 -19.52 4.32 -7.38
C THR B 41 -20.70 4.84 -8.18
N GLY B 42 -20.72 4.52 -9.47
CA GLY B 42 -21.85 4.86 -10.33
C GLY B 42 -23.08 4.00 -9.98
N ILE B 43 -24.29 4.53 -10.18
CA ILE B 43 -25.50 3.77 -9.78
C ILE B 43 -25.76 2.54 -10.65
N TYR B 44 -25.09 2.46 -11.79
CA TYR B 44 -25.25 1.33 -12.69
C TYR B 44 -24.19 0.23 -12.55
N GLU B 45 -23.31 0.34 -11.53
CA GLU B 45 -22.31 -0.72 -11.32
C GLU B 45 -22.97 -2.01 -10.86
N ALA B 46 -22.40 -3.17 -11.20
CA ALA B 46 -22.81 -4.44 -10.60
C ALA B 46 -22.71 -4.37 -9.07
N LEU B 47 -23.48 -5.21 -8.38
CA LEU B 47 -23.66 -5.04 -6.94
C LEU B 47 -22.42 -5.49 -6.16
N GLU B 48 -21.88 -4.59 -5.37
CA GLU B 48 -20.94 -4.97 -4.35
C GLU B 48 -21.72 -5.46 -3.12
N LEU B 49 -21.66 -6.74 -2.83
CA LEU B 49 -22.42 -7.35 -1.71
C LEU B 49 -21.68 -7.20 -0.36
N ARG B 50 -22.26 -6.42 0.55
CA ARG B 50 -21.75 -6.28 1.90
C ARG B 50 -22.73 -6.99 2.84
N ASP B 51 -22.29 -7.33 4.03
CA ASP B 51 -23.10 -8.10 4.97
C ASP B 51 -24.14 -7.24 5.65
N GLY B 52 -23.78 -6.00 5.99
CA GLY B 52 -24.72 -5.14 6.70
C GLY B 52 -24.89 -5.51 8.18
N ASP B 53 -24.04 -6.39 8.69
CA ASP B 53 -24.05 -6.78 10.12
C ASP B 53 -23.32 -5.72 10.94
N LYS B 54 -24.06 -4.88 11.66
CA LYS B 54 -23.45 -3.75 12.39
C LYS B 54 -22.63 -4.21 13.57
N GLN B 55 -22.67 -5.51 13.87
CA GLN B 55 -21.83 -6.00 14.96
C GLN B 55 -20.35 -6.21 14.50
N ARG B 56 -20.12 -6.08 13.19
CA ARG B 56 -18.80 -6.37 12.56
C ARG B 56 -18.44 -5.31 11.53
N TYR B 57 -17.30 -4.63 11.70
CA TYR B 57 -16.80 -3.72 10.67
C TYR B 57 -17.86 -2.69 10.27
N LEU B 58 -18.72 -2.33 11.21
CA LEU B 58 -19.79 -1.35 10.98
C LEU B 58 -20.66 -1.74 9.76
N GLY B 59 -20.87 -3.03 9.56
CA GLY B 59 -21.71 -3.47 8.46
C GLY B 59 -21.00 -3.66 7.15
N LYS B 60 -19.67 -3.54 7.14
CA LYS B 60 -18.93 -3.64 5.86
C LYS B 60 -18.27 -5.00 5.63
N GLY B 61 -18.58 -6.02 6.43
CA GLY B 61 -18.02 -7.33 6.17
C GLY B 61 -18.46 -7.88 4.83
N VAL B 62 -17.72 -8.85 4.31
CA VAL B 62 -18.09 -9.53 3.07
C VAL B 62 -18.17 -11.06 3.26
N LEU B 63 -18.57 -11.49 4.44
CA LEU B 63 -18.71 -12.93 4.74
C LEU B 63 -19.75 -13.62 3.81
N LYS B 64 -20.81 -12.90 3.47
CA LYS B 64 -21.83 -13.50 2.60
C LYS B 64 -21.25 -13.78 1.24
N ALA B 65 -20.51 -12.82 0.69
CA ALA B 65 -19.89 -13.07 -0.60
C ALA B 65 -18.93 -14.23 -0.50
N VAL B 66 -18.14 -14.27 0.57
CA VAL B 66 -17.16 -15.34 0.76
C VAL B 66 -17.87 -16.70 0.82
N ASP B 67 -18.95 -16.74 1.58
CA ASP B 67 -19.78 -17.94 1.70
C ASP B 67 -20.41 -18.37 0.36
N HIS B 68 -20.86 -17.43 -0.47
CA HIS B 68 -21.36 -17.75 -1.81
C HIS B 68 -20.29 -18.44 -2.62
N ILE B 69 -19.06 -17.94 -2.52
CA ILE B 69 -17.96 -18.59 -3.23
C ILE B 69 -17.71 -19.99 -2.70
N ASN B 70 -17.56 -20.08 -1.38
CA ASN B 70 -17.10 -21.35 -0.78
C ASN B 70 -18.18 -22.43 -0.80
N SER B 71 -19.43 -22.03 -0.63
CA SER B 71 -20.55 -22.97 -0.53
C SER B 71 -21.20 -23.31 -1.86
N THR B 72 -21.18 -22.35 -2.78
CA THR B 72 -21.97 -22.49 -4.00
C THR B 72 -21.13 -22.46 -5.25
N ILE B 73 -20.43 -21.35 -5.50
CA ILE B 73 -19.64 -21.20 -6.72
C ILE B 73 -18.51 -22.22 -6.86
N ALA B 74 -17.75 -22.41 -5.79
CA ALA B 74 -16.58 -23.30 -5.85
C ALA B 74 -16.96 -24.76 -6.24
N PRO B 75 -17.94 -25.39 -5.56
CA PRO B 75 -18.24 -26.78 -5.98
C PRO B 75 -18.83 -26.85 -7.37
N ALA B 76 -19.56 -25.81 -7.78
CA ALA B 76 -20.14 -25.77 -9.12
C ALA B 76 -19.05 -25.76 -10.19
N LEU B 77 -18.04 -24.91 -10.02
CA LEU B 77 -16.98 -24.81 -11.03
C LEU B 77 -16.08 -26.04 -11.03
N ILE B 78 -15.94 -26.64 -9.86
CA ILE B 78 -15.17 -27.88 -9.75
C ILE B 78 -15.90 -29.07 -10.42
N SER B 79 -17.20 -29.20 -10.17
CA SER B 79 -18.03 -30.25 -10.75
C SER B 79 -18.15 -30.13 -12.25
N SER B 80 -18.00 -28.93 -12.76
CA SER B 80 -18.12 -28.67 -14.18
C SER B 80 -16.98 -29.35 -14.98
N GLY B 81 -15.84 -29.59 -14.34
CA GLY B 81 -14.72 -30.24 -14.99
C GLY B 81 -14.04 -29.40 -16.03
N LEU B 82 -14.48 -28.14 -16.17
CA LEU B 82 -13.87 -27.23 -17.14
C LEU B 82 -12.41 -26.91 -16.79
N SER B 83 -11.58 -26.81 -17.83
CA SER B 83 -10.20 -26.38 -17.67
C SER B 83 -10.13 -24.88 -17.31
N VAL B 84 -9.13 -24.49 -16.52
CA VAL B 84 -8.95 -23.10 -16.13
C VAL B 84 -8.57 -22.20 -17.30
N VAL B 85 -8.21 -22.80 -18.44
CA VAL B 85 -7.93 -21.98 -19.64
C VAL B 85 -9.25 -21.48 -20.24
N GLU B 86 -10.35 -22.14 -19.90
CA GLU B 86 -11.66 -21.80 -20.48
C GLU B 86 -12.33 -20.64 -19.72
N GLN B 87 -11.72 -19.46 -19.80
CA GLN B 87 -12.21 -18.30 -19.07
C GLN B 87 -13.67 -18.02 -19.37
N GLU B 88 -14.01 -17.99 -20.66
CA GLU B 88 -15.35 -17.61 -21.08
C GLU B 88 -16.40 -18.56 -20.51
N LYS B 89 -16.12 -19.86 -20.61
CA LYS B 89 -17.06 -20.86 -20.13
C LYS B 89 -17.28 -20.84 -18.61
N LEU B 90 -16.17 -20.65 -17.88
CA LEU B 90 -16.25 -20.62 -16.41
C LEU B 90 -16.97 -19.37 -15.95
N ASP B 91 -16.66 -18.23 -16.57
CA ASP B 91 -17.35 -16.98 -16.27
C ASP B 91 -18.84 -17.07 -16.59
N ASN B 92 -19.17 -17.60 -17.77
CA ASN B 92 -20.59 -17.79 -18.14
C ASN B 92 -21.32 -18.72 -17.17
N LEU B 93 -20.62 -19.74 -16.72
CA LEU B 93 -21.19 -20.65 -15.74
C LEU B 93 -21.60 -19.89 -14.47
N MET B 94 -20.71 -19.00 -14.02
CA MET B 94 -21.00 -18.17 -12.83
C MET B 94 -22.16 -17.20 -13.07
N LEU B 95 -22.16 -16.60 -14.25
CA LEU B 95 -23.22 -15.66 -14.61
C LEU B 95 -24.58 -16.34 -14.56
N GLU B 96 -24.64 -17.56 -15.07
CA GLU B 96 -25.91 -18.30 -15.06
C GLU B 96 -26.31 -18.73 -13.66
N LEU B 97 -25.30 -19.10 -12.88
CA LEU B 97 -25.51 -19.54 -11.54
C LEU B 97 -26.14 -18.41 -10.72
N ASP B 98 -25.64 -17.18 -10.94
CA ASP B 98 -26.16 -16.02 -10.25
C ASP B 98 -27.55 -15.64 -10.78
N GLY B 99 -27.72 -15.66 -12.11
CA GLY B 99 -29.02 -15.50 -12.73
C GLY B 99 -29.68 -14.14 -12.63
N THR B 100 -28.96 -13.13 -12.15
CA THR B 100 -29.49 -11.78 -12.06
C THR B 100 -28.69 -10.82 -12.97
N GLU B 101 -29.28 -9.68 -13.29
CA GLU B 101 -28.62 -8.73 -14.18
C GLU B 101 -27.38 -8.10 -13.56
N ASN B 102 -27.53 -7.68 -12.30
CA ASN B 102 -26.43 -6.97 -11.64
C ASN B 102 -25.66 -7.83 -10.67
N LYS B 103 -25.73 -9.14 -10.85
CA LYS B 103 -25.01 -10.10 -9.99
C LYS B 103 -25.38 -9.88 -8.51
N SER B 104 -26.65 -9.65 -8.27
CA SER B 104 -27.11 -9.32 -6.91
C SER B 104 -27.46 -10.53 -6.05
N LYS B 105 -27.31 -11.72 -6.59
CA LYS B 105 -27.52 -12.92 -5.79
C LYS B 105 -26.24 -13.30 -5.05
N PHE B 106 -25.12 -13.43 -5.80
CA PHE B 106 -23.83 -13.78 -5.20
C PHE B 106 -23.04 -12.52 -4.82
N GLY B 107 -23.29 -11.43 -5.55
CA GLY B 107 -22.45 -10.24 -5.45
C GLY B 107 -21.41 -10.23 -6.56
N ALA B 108 -21.22 -9.07 -7.18
CA ALA B 108 -20.19 -8.91 -8.18
C ALA B 108 -18.80 -9.23 -7.57
N ASN B 109 -18.62 -8.90 -6.31
CA ASN B 109 -17.31 -9.11 -5.68
C ASN B 109 -17.02 -10.59 -5.50
N ALA B 110 -18.05 -11.39 -5.26
CA ALA B 110 -17.86 -12.85 -5.19
C ALA B 110 -17.45 -13.40 -6.53
N ILE B 111 -18.20 -13.05 -7.57
CA ILE B 111 -17.93 -13.57 -8.88
C ILE B 111 -16.57 -13.11 -9.46
N LEU B 112 -16.26 -11.83 -9.31
CA LEU B 112 -15.00 -11.34 -9.89
C LEU B 112 -13.76 -12.02 -9.25
N GLY B 113 -13.83 -12.21 -7.94
CA GLY B 113 -12.72 -12.81 -7.22
C GLY B 113 -12.35 -14.15 -7.82
N VAL B 114 -13.36 -14.97 -8.06
CA VAL B 114 -13.11 -16.26 -8.67
C VAL B 114 -12.65 -16.10 -10.11
N SER B 115 -13.31 -15.21 -10.84
CA SER B 115 -12.96 -14.93 -12.23
C SER B 115 -11.49 -14.55 -12.38
N LEU B 116 -10.98 -13.68 -11.49
CA LEU B 116 -9.57 -13.27 -11.56
C LEU B 116 -8.60 -14.42 -11.27
N ALA B 117 -8.91 -15.23 -10.27
CA ALA B 117 -8.04 -16.34 -9.87
C ALA B 117 -8.00 -17.37 -11.00
N VAL B 118 -9.17 -17.64 -11.59
CA VAL B 118 -9.24 -18.54 -12.77
C VAL B 118 -8.32 -18.05 -13.87
N CYS B 119 -8.37 -16.76 -14.15
CA CYS B 119 -7.50 -16.18 -15.20
C CYS B 119 -5.98 -16.39 -14.93
N LYS B 120 -5.57 -16.19 -13.67
CA LYS B 120 -4.19 -16.46 -13.30
C LYS B 120 -3.85 -17.98 -13.42
N ALA B 121 -4.74 -18.83 -12.95
CA ALA B 121 -4.54 -20.28 -13.06
C ALA B 121 -4.47 -20.70 -14.55
N GLY B 122 -5.30 -20.08 -15.39
CA GLY B 122 -5.31 -20.34 -16.81
C GLY B 122 -4.02 -19.99 -17.52
N ALA B 123 -3.45 -18.84 -17.17
CA ALA B 123 -2.15 -18.42 -17.71
C ALA B 123 -1.02 -19.44 -17.39
N ALA B 124 -1.01 -19.96 -16.17
CA ALA B 124 0.00 -20.94 -15.81
C ALA B 124 -0.21 -22.27 -16.54
N GLU B 125 -1.47 -22.64 -16.77
CA GLU B 125 -1.82 -23.84 -17.51
C GLU B 125 -1.35 -23.74 -18.94
N ARG B 126 -1.39 -22.53 -19.49
CA ARG B 126 -0.87 -22.21 -20.82
C ARG B 126 0.60 -21.98 -20.78
N GLU B 127 1.19 -22.01 -19.60
CA GLU B 127 2.61 -21.70 -19.43
C GLU B 127 2.96 -20.37 -20.04
N LEU B 128 2.13 -19.38 -19.74
CA LEU B 128 2.31 -18.02 -20.20
C LEU B 128 2.28 -17.03 -19.03
N PRO B 129 3.00 -15.90 -19.15
CA PRO B 129 2.78 -14.81 -18.21
C PRO B 129 1.35 -14.29 -18.35
N LEU B 130 0.78 -13.76 -17.26
CA LEU B 130 -0.63 -13.39 -17.24
C LEU B 130 -1.02 -12.49 -18.45
N TYR B 131 -0.20 -11.50 -18.75
CA TYR B 131 -0.56 -10.54 -19.78
C TYR B 131 -0.66 -11.19 -21.15
N ARG B 132 0.13 -12.25 -21.41
CA ARG B 132 0.06 -12.93 -22.70
C ARG B 132 -1.20 -13.76 -22.78
N HIS B 133 -1.56 -14.39 -21.67
CA HIS B 133 -2.80 -15.14 -21.58
C HIS B 133 -3.98 -14.24 -21.82
N ILE B 134 -3.94 -13.04 -21.22
CA ILE B 134 -5.00 -12.05 -21.38
C ILE B 134 -5.05 -11.58 -22.85
N ALA B 135 -3.86 -11.38 -23.42
CA ALA B 135 -3.76 -11.01 -24.84
C ALA B 135 -4.47 -12.06 -25.73
N GLN B 136 -4.23 -13.34 -25.45
CA GLN B 136 -4.85 -14.39 -26.26
C GLN B 136 -6.35 -14.42 -26.07
N LEU B 137 -6.82 -14.22 -24.84
CA LEU B 137 -8.25 -14.19 -24.53
C LEU B 137 -8.94 -13.05 -25.27
N ALA B 138 -8.18 -11.99 -25.51
CA ALA B 138 -8.73 -10.79 -26.12
C ALA B 138 -8.48 -10.79 -27.64
N GLY B 139 -7.68 -11.72 -28.14
CA GLY B 139 -7.36 -11.80 -29.55
C GLY B 139 -6.29 -10.81 -29.99
N ASN B 140 -5.38 -10.42 -29.09
CA ASN B 140 -4.31 -9.48 -29.43
C ASN B 140 -2.99 -10.18 -29.64
N SER B 141 -2.10 -9.54 -30.38
CA SER B 141 -0.78 -10.11 -30.68
C SER B 141 0.34 -9.21 -30.25
N ASP B 142 0.08 -7.91 -30.27
CA ASP B 142 1.13 -6.95 -29.94
C ASP B 142 0.89 -6.53 -28.50
N LEU B 143 1.94 -6.19 -27.76
CA LEU B 143 1.80 -5.72 -26.39
C LEU B 143 2.32 -4.30 -26.34
N ILE B 144 1.73 -3.46 -25.49
CA ILE B 144 2.31 -2.13 -25.34
C ILE B 144 2.26 -1.71 -23.90
N LEU B 145 3.28 -0.98 -23.47
CA LEU B 145 3.31 -0.40 -22.11
C LEU B 145 2.51 0.90 -22.14
N PRO B 146 1.63 1.09 -21.13
CA PRO B 146 0.73 2.26 -21.08
C PRO B 146 1.40 3.47 -20.53
N VAL B 147 0.90 4.65 -20.90
CA VAL B 147 1.22 5.87 -20.20
C VAL B 147 0.47 5.79 -18.87
N PRO B 148 1.18 6.03 -17.72
CA PRO B 148 0.47 6.06 -16.43
C PRO B 148 -0.14 7.42 -16.17
N ALA B 149 -1.32 7.47 -15.56
CA ALA B 149 -1.94 8.73 -15.20
C ALA B 149 -2.00 8.80 -13.67
N PHE B 150 -1.16 9.65 -13.07
CA PHE B 150 -1.04 9.77 -11.61
C PHE B 150 -1.93 10.87 -11.01
N ASN B 151 -2.87 10.49 -10.15
CA ASN B 151 -3.76 11.43 -9.49
C ASN B 151 -3.00 12.15 -8.36
N VAL B 152 -2.56 13.39 -8.57
CA VAL B 152 -1.68 14.06 -7.59
C VAL B 152 -2.40 15.12 -6.75
N ILE B 153 -3.49 15.65 -7.26
CA ILE B 153 -4.31 16.61 -6.55
C ILE B 153 -5.75 16.10 -6.46
N ASN B 154 -6.33 16.12 -5.26
CA ASN B 154 -7.66 15.55 -5.01
C ASN B 154 -8.70 16.54 -4.58
N GLY B 155 -9.90 16.35 -5.11
CA GLY B 155 -11.08 17.02 -4.60
C GLY B 155 -12.21 16.00 -4.54
N GLY B 156 -13.45 16.48 -4.66
CA GLY B 156 -14.56 15.55 -4.77
C GLY B 156 -15.06 15.04 -3.42
N SER B 157 -15.89 14.00 -3.47
CA SER B 157 -16.68 13.49 -2.33
C SER B 157 -15.88 13.06 -1.11
N HIS B 158 -14.68 12.54 -1.33
CA HIS B 158 -13.92 11.95 -0.24
C HIS B 158 -12.62 12.69 0.03
N ALA B 159 -12.56 13.95 -0.44
CA ALA B 159 -11.48 14.83 -0.12
C ALA B 159 -12.00 15.85 0.89
N GLY B 160 -11.16 16.22 1.86
CA GLY B 160 -11.61 17.10 2.93
C GLY B 160 -11.44 18.58 2.68
N ASN B 161 -11.31 18.93 1.42
CA ASN B 161 -11.24 20.32 1.03
C ASN B 161 -12.58 20.73 0.38
N LYS B 162 -12.64 21.92 -0.20
CA LYS B 162 -13.89 22.36 -0.82
C LYS B 162 -13.91 22.09 -2.31
N LEU B 163 -12.75 21.72 -2.85
CA LEU B 163 -12.58 21.46 -4.28
C LEU B 163 -13.55 20.40 -4.79
N ALA B 164 -14.37 20.73 -5.80
CA ALA B 164 -15.43 19.81 -6.20
C ALA B 164 -14.96 18.71 -7.14
N MET B 165 -14.11 19.08 -8.09
CA MET B 165 -13.69 18.06 -9.06
C MET B 165 -12.74 17.02 -8.42
N GLN B 166 -12.86 15.77 -8.82
CA GLN B 166 -12.31 14.68 -8.04
C GLN B 166 -10.82 14.48 -8.20
N GLU B 167 -10.32 14.42 -9.44
CA GLU B 167 -8.89 14.06 -9.63
C GLU B 167 -8.22 14.96 -10.67
N PHE B 168 -7.01 15.38 -10.37
CA PHE B 168 -6.16 16.09 -11.33
C PHE B 168 -4.89 15.25 -11.48
N MET B 169 -4.67 14.75 -12.69
CA MET B 169 -3.66 13.72 -12.96
C MET B 169 -2.55 14.22 -13.84
N ILE B 170 -1.38 13.63 -13.74
CA ILE B 170 -0.31 13.92 -14.68
C ILE B 170 0.01 12.69 -15.47
N LEU B 171 0.25 12.86 -16.76
CA LEU B 171 0.52 11.79 -17.71
C LEU B 171 1.85 12.07 -18.42
N PRO B 172 2.90 11.27 -18.11
CA PRO B 172 4.23 11.49 -18.74
C PRO B 172 4.26 10.96 -20.19
N VAL B 173 3.49 11.59 -21.08
CA VAL B 173 3.42 11.13 -22.48
C VAL B 173 4.77 11.19 -23.20
N GLY B 174 5.64 12.08 -22.75
CA GLY B 174 6.93 12.25 -23.40
C GLY B 174 8.08 11.46 -22.77
N ALA B 175 7.78 10.51 -21.87
CA ALA B 175 8.83 9.69 -21.29
C ALA B 175 9.44 8.76 -22.32
N GLU B 176 10.65 8.27 -22.07
CA GLU B 176 11.35 7.37 -22.98
C GLU B 176 10.79 5.96 -22.95
N SER B 177 10.27 5.59 -21.79
CA SER B 177 9.86 4.21 -21.56
C SER B 177 8.91 4.21 -20.35
N PHE B 178 8.40 3.06 -19.96
CA PHE B 178 7.53 3.06 -18.79
C PHE B 178 8.33 3.30 -17.52
N ARG B 179 9.53 2.72 -17.44
CA ARG B 179 10.39 2.95 -16.28
C ARG B 179 10.73 4.44 -16.15
N ASP B 180 10.98 5.08 -17.30
CA ASP B 180 11.29 6.52 -17.27
C ASP B 180 10.01 7.32 -16.88
N ALA B 181 8.86 6.86 -17.34
CA ALA B 181 7.58 7.50 -16.97
C ALA B 181 7.41 7.48 -15.43
N MET B 182 7.78 6.35 -14.81
CA MET B 182 7.71 6.28 -13.33
C MET B 182 8.59 7.36 -12.71
N ARG B 183 9.77 7.56 -13.29
CA ARG B 183 10.66 8.53 -12.70
C ARG B 183 10.11 9.96 -12.83
N LEU B 184 9.62 10.27 -14.03
CA LEU B 184 9.02 11.57 -14.24
C LEU B 184 7.84 11.78 -13.27
N GLY B 185 6.96 10.78 -13.17
CA GLY B 185 5.82 10.91 -12.26
C GLY B 185 6.30 11.13 -10.79
N ALA B 186 7.26 10.30 -10.34
CA ALA B 186 7.76 10.41 -8.96
C ALA B 186 8.42 11.75 -8.69
N GLU B 187 9.22 12.23 -9.65
CA GLU B 187 9.92 13.52 -9.43
C GLU B 187 8.94 14.68 -9.42
N VAL B 188 7.93 14.65 -10.28
CA VAL B 188 6.93 15.72 -10.24
C VAL B 188 6.10 15.61 -8.93
N TYR B 189 5.77 14.39 -8.55
CA TYR B 189 5.05 14.20 -7.29
C TYR B 189 5.82 14.79 -6.08
N HIS B 190 7.11 14.46 -6.02
CA HIS B 190 7.91 14.98 -4.90
C HIS B 190 8.10 16.49 -5.01
N THR B 191 8.22 16.99 -6.22
CA THR B 191 8.30 18.45 -6.41
C THR B 191 7.03 19.11 -5.92
N LEU B 192 5.90 18.55 -6.33
CA LEU B 192 4.62 19.08 -5.92
C LEU B 192 4.46 19.15 -4.41
N LYS B 193 4.97 18.11 -3.72
CA LYS B 193 4.86 18.07 -2.26
C LYS B 193 5.57 19.29 -1.63
N GLY B 194 6.76 19.59 -2.14
CA GLY B 194 7.48 20.77 -1.66
C GLY B 194 6.70 22.05 -1.96
N VAL B 195 6.15 22.15 -3.17
CA VAL B 195 5.36 23.34 -3.55
C VAL B 195 4.16 23.51 -2.61
N ILE B 196 3.46 22.40 -2.34
CA ILE B 196 2.28 22.49 -1.50
C ILE B 196 2.68 22.87 -0.07
N LYS B 197 3.76 22.27 0.41
CA LYS B 197 4.26 22.61 1.73
C LYS B 197 4.51 24.12 1.85
N ASP B 198 5.21 24.70 0.89
CA ASP B 198 5.56 26.13 0.96
C ASP B 198 4.32 27.04 0.88
N LYS B 199 3.37 26.75 -0.01
CA LYS B 199 2.24 27.65 -0.14
C LYS B 199 1.12 27.42 0.88
N TYR B 200 0.85 26.17 1.25
CA TYR B 200 -0.30 25.90 2.13
C TYR B 200 0.10 25.46 3.54
N GLY B 201 1.38 25.18 3.74
CA GLY B 201 1.84 24.82 5.07
C GLY B 201 2.30 23.37 5.26
N LYS B 202 3.01 23.14 6.35
CA LYS B 202 3.54 21.82 6.64
C LYS B 202 2.45 20.80 6.92
N ASP B 203 1.28 21.26 7.36
CA ASP B 203 0.20 20.35 7.76
C ASP B 203 -0.69 19.99 6.58
N ALA B 204 -0.28 20.39 5.37
CA ALA B 204 -1.11 20.22 4.19
C ALA B 204 -0.63 19.17 3.19
N THR B 205 0.33 18.32 3.56
CA THR B 205 0.86 17.35 2.58
C THR B 205 0.61 15.86 2.97
N ASN B 206 -0.33 15.63 3.88
CA ASN B 206 -0.74 14.22 4.11
C ASN B 206 -1.58 13.76 2.89
N VAL B 207 -1.74 12.45 2.68
CA VAL B 207 -2.30 12.01 1.41
C VAL B 207 -3.69 11.45 1.55
N GLY B 208 -4.43 11.43 0.43
CA GLY B 208 -5.77 10.87 0.41
C GLY B 208 -5.68 9.39 0.05
N ASP B 209 -6.85 8.80 -0.23
CA ASP B 209 -6.96 7.35 -0.47
C ASP B 209 -6.07 6.82 -1.57
N GLU B 210 -5.78 7.66 -2.55
CA GLU B 210 -4.95 7.23 -3.68
C GLU B 210 -3.55 7.81 -3.70
N GLY B 211 -3.12 8.40 -2.60
CA GLY B 211 -1.74 8.85 -2.47
C GLY B 211 -1.50 10.32 -2.86
N GLY B 212 -2.54 10.99 -3.37
CA GLY B 212 -2.43 12.38 -3.82
C GLY B 212 -2.67 13.37 -2.69
N PHE B 213 -2.48 14.65 -2.97
CA PHE B 213 -2.65 15.71 -1.96
C PHE B 213 -4.01 16.38 -2.08
N ALA B 214 -4.53 16.90 -0.96
CA ALA B 214 -5.78 17.60 -0.99
C ALA B 214 -5.66 18.92 -0.22
N PRO B 215 -4.87 19.87 -0.73
CA PRO B 215 -4.75 21.14 -0.03
C PRO B 215 -6.08 21.91 -0.07
N ASN B 216 -6.17 22.93 0.78
CA ASN B 216 -7.43 23.67 0.90
C ASN B 216 -7.56 24.73 -0.18
N ILE B 217 -8.05 24.32 -1.32
CA ILE B 217 -8.32 25.25 -2.40
C ILE B 217 -9.75 25.07 -2.85
N LEU B 218 -10.36 26.12 -3.41
CA LEU B 218 -11.74 25.98 -3.87
C LEU B 218 -11.83 26.05 -5.39
N GLU B 219 -10.97 26.87 -6.01
CA GLU B 219 -11.04 26.97 -7.46
C GLU B 219 -10.31 25.82 -8.16
N ASN B 220 -11.03 25.14 -9.04
CA ASN B 220 -10.44 24.06 -9.83
C ASN B 220 -9.33 24.56 -10.74
N SER B 221 -9.40 25.81 -11.16
CA SER B 221 -8.31 26.40 -11.95
C SER B 221 -7.00 26.49 -11.15
N GLU B 222 -7.14 26.71 -9.84
CA GLU B 222 -5.98 26.77 -8.95
C GLU B 222 -5.31 25.38 -8.82
N ALA B 223 -6.13 24.34 -8.92
CA ALA B 223 -5.59 22.96 -8.92
C ALA B 223 -4.74 22.75 -10.17
N LEU B 224 -5.25 23.20 -11.32
CA LEU B 224 -4.53 23.06 -12.59
C LEU B 224 -3.25 23.88 -12.60
N GLU B 225 -3.30 25.07 -12.01
CA GLU B 225 -2.10 25.91 -11.88
C GLU B 225 -1.03 25.23 -11.03
N LEU B 226 -1.44 24.70 -9.88
CA LEU B 226 -0.51 24.00 -9.02
C LEU B 226 0.22 22.86 -9.76
N VAL B 227 -0.52 22.06 -10.49
CA VAL B 227 0.02 20.90 -11.17
C VAL B 227 1.02 21.38 -12.23
N LYS B 228 0.59 22.38 -12.99
CA LYS B 228 1.42 22.97 -14.02
C LYS B 228 2.75 23.49 -13.44
N GLU B 229 2.63 24.18 -12.30
CA GLU B 229 3.80 24.70 -11.63
C GLU B 229 4.77 23.60 -11.23
N ALA B 230 4.25 22.47 -10.75
CA ALA B 230 5.10 21.36 -10.33
C ALA B 230 5.80 20.74 -11.53
N ILE B 231 5.07 20.61 -12.63
CA ILE B 231 5.64 20.00 -13.85
C ILE B 231 6.85 20.83 -14.34
N ASP B 232 6.67 22.15 -14.41
CA ASP B 232 7.75 23.02 -14.90
C ASP B 232 8.95 23.11 -13.94
N LYS B 233 8.67 23.24 -12.65
CA LYS B 233 9.75 23.24 -11.66
C LYS B 233 10.55 21.96 -11.67
N ALA B 234 9.90 20.84 -11.96
CA ALA B 234 10.61 19.57 -12.12
C ALA B 234 11.33 19.50 -13.47
N GLY B 235 11.05 20.45 -14.36
CA GLY B 235 11.70 20.53 -15.65
C GLY B 235 11.12 19.67 -16.75
N TYR B 236 9.81 19.38 -16.70
CA TYR B 236 9.24 18.46 -17.67
C TYR B 236 8.03 19.00 -18.47
N THR B 237 7.96 20.32 -18.57
CA THR B 237 6.86 20.97 -19.30
C THR B 237 6.63 20.38 -20.64
N GLU B 238 7.70 19.94 -21.27
CA GLU B 238 7.54 19.43 -22.63
C GLU B 238 6.95 18.01 -22.61
N LYS B 239 7.11 17.30 -21.50
CA LYS B 239 6.87 15.87 -21.53
C LYS B 239 5.67 15.35 -20.75
N ILE B 240 5.04 16.21 -19.97
CA ILE B 240 3.95 15.78 -19.10
C ILE B 240 2.70 16.62 -19.30
N VAL B 241 1.57 15.97 -19.53
CA VAL B 241 0.31 16.65 -19.71
C VAL B 241 -0.65 16.29 -18.56
N ILE B 242 -1.85 16.85 -18.58
CA ILE B 242 -2.79 16.77 -17.46
C ILE B 242 -4.05 16.04 -17.92
N GLY B 243 -4.58 15.20 -17.04
CA GLY B 243 -5.86 14.54 -17.21
C GLY B 243 -6.73 14.90 -15.98
N MET B 244 -8.03 14.87 -16.13
CA MET B 244 -8.95 15.14 -15.02
C MET B 244 -9.97 14.05 -14.91
N ASP B 245 -10.36 13.73 -13.67
CA ASP B 245 -11.58 12.97 -13.44
C ASP B 245 -12.49 13.90 -12.64
N VAL B 246 -13.48 14.47 -13.31
CA VAL B 246 -14.33 15.41 -12.63
C VAL B 246 -15.31 14.69 -11.65
N ALA B 247 -15.81 13.54 -12.07
CA ALA B 247 -16.80 12.76 -11.33
C ALA B 247 -18.04 13.62 -11.06
N ALA B 248 -18.58 14.19 -12.14
CA ALA B 248 -19.64 15.17 -12.02
C ALA B 248 -20.92 14.57 -11.41
N SER B 249 -21.08 13.25 -11.46
CA SER B 249 -22.28 12.65 -10.84
C SER B 249 -22.35 13.00 -9.37
N GLU B 250 -21.19 13.17 -8.74
CA GLU B 250 -21.11 13.42 -7.29
C GLU B 250 -21.67 14.81 -6.93
N PHE B 251 -21.72 15.74 -7.89
CA PHE B 251 -22.29 17.06 -7.56
C PHE B 251 -23.43 17.46 -8.52
N TYR B 252 -24.05 16.47 -9.12
CA TYR B 252 -25.26 16.68 -9.91
C TYR B 252 -26.42 16.91 -8.95
N ARG B 253 -27.03 18.10 -9.02
CA ARG B 253 -28.15 18.49 -8.16
C ARG B 253 -29.22 19.14 -9.03
N ASP B 254 -30.42 18.57 -9.02
CA ASP B 254 -31.59 19.19 -9.67
C ASP B 254 -31.43 19.40 -11.16
N GLY B 255 -30.71 18.54 -11.86
CA GLY B 255 -30.45 18.78 -13.26
C GLY B 255 -29.36 19.84 -13.47
N LYS B 256 -28.80 20.34 -12.38
CA LYS B 256 -27.73 21.33 -12.44
C LYS B 256 -26.48 20.81 -11.71
N TYR B 257 -25.45 21.64 -11.66
CA TYR B 257 -24.18 21.18 -11.10
C TYR B 257 -23.65 22.11 -10.04
N ASP B 258 -23.26 21.51 -8.91
CA ASP B 258 -22.84 22.30 -7.76
C ASP B 258 -21.34 22.24 -7.48
N LEU B 259 -20.60 23.28 -7.89
CA LEU B 259 -19.14 23.30 -7.72
C LEU B 259 -18.73 23.68 -6.30
N ASP B 260 -19.70 23.72 -5.40
CA ASP B 260 -19.39 23.92 -3.99
C ASP B 260 -20.25 22.98 -3.15
N PHE B 261 -20.42 21.74 -3.63
CA PHE B 261 -21.39 20.85 -3.00
C PHE B 261 -20.96 20.39 -1.60
N LYS B 262 -19.72 20.70 -1.19
CA LYS B 262 -19.27 20.33 0.16
C LYS B 262 -19.52 21.49 1.14
N SER B 263 -20.17 22.55 0.65
CA SER B 263 -20.67 23.60 1.52
C SER B 263 -22.20 23.41 1.67
N PRO B 264 -22.79 23.94 2.77
CA PRO B 264 -24.22 23.74 3.01
C PRO B 264 -25.08 24.15 1.80
N THR B 265 -26.03 23.29 1.47
CA THR B 265 -26.82 23.38 0.24
C THR B 265 -27.40 24.78 -0.01
N ASP B 266 -27.25 25.25 -1.26
CA ASP B 266 -27.69 26.58 -1.67
C ASP B 266 -27.81 26.67 -3.21
N PRO B 267 -29.01 26.36 -3.75
CA PRO B 267 -29.25 26.22 -5.20
C PRO B 267 -28.89 27.44 -6.04
N SER B 268 -28.70 28.59 -5.40
CA SER B 268 -28.32 29.79 -6.15
C SER B 268 -26.92 29.61 -6.75
N ARG B 269 -26.19 28.67 -6.19
CA ARG B 269 -24.81 28.37 -6.55
C ARG B 269 -24.72 27.61 -7.86
N TYR B 270 -25.77 26.85 -8.17
CA TYR B 270 -25.74 25.83 -9.20
C TYR B 270 -25.51 26.38 -10.59
N ILE B 271 -24.80 25.60 -11.42
CA ILE B 271 -24.63 26.02 -12.82
C ILE B 271 -25.16 24.93 -13.74
N THR B 272 -25.48 25.33 -14.96
CA THR B 272 -26.03 24.40 -15.93
C THR B 272 -24.94 23.61 -16.62
N GLY B 273 -25.31 22.50 -17.26
CA GLY B 273 -24.39 21.72 -18.06
C GLY B 273 -23.63 22.57 -19.08
N ASP B 274 -24.34 23.51 -19.70
CA ASP B 274 -23.72 24.42 -20.68
C ASP B 274 -22.65 25.27 -20.04
N GLN B 275 -22.95 25.77 -18.85
CA GLN B 275 -21.99 26.59 -18.14
C GLN B 275 -20.78 25.76 -17.69
N LEU B 276 -21.05 24.52 -17.31
CA LEU B 276 -19.97 23.62 -16.88
C LEU B 276 -19.06 23.38 -18.09
N GLY B 277 -19.69 23.10 -19.24
CA GLY B 277 -19.00 22.83 -20.48
C GLY B 277 -18.12 23.97 -20.89
N ALA B 278 -18.61 25.18 -20.65
CA ALA B 278 -17.84 26.38 -21.00
C ALA B 278 -16.59 26.46 -20.12
N LEU B 279 -16.73 26.07 -18.86
CA LEU B 279 -15.61 26.06 -17.93
C LEU B 279 -14.52 25.07 -18.42
N TYR B 280 -14.95 23.89 -18.88
CA TYR B 280 -14.01 22.89 -19.44
C TYR B 280 -13.31 23.45 -20.67
N GLN B 281 -14.05 24.18 -21.50
CA GLN B 281 -13.43 24.78 -22.70
C GLN B 281 -12.28 25.71 -22.29
N ASP B 282 -12.50 26.48 -21.23
CA ASP B 282 -11.45 27.33 -20.71
C ASP B 282 -10.26 26.56 -20.17
N PHE B 283 -10.53 25.47 -19.45
CA PHE B 283 -9.45 24.65 -18.91
C PHE B 283 -8.56 24.14 -20.04
N VAL B 284 -9.20 23.63 -21.08
CA VAL B 284 -8.52 22.97 -22.20
C VAL B 284 -7.64 23.97 -22.97
N ARG B 285 -8.04 25.23 -22.93
CA ARG B 285 -7.29 26.33 -23.53
C ARG B 285 -6.11 26.86 -22.69
N ASP B 286 -6.33 27.03 -21.39
CA ASP B 286 -5.36 27.65 -20.50
C ASP B 286 -4.32 26.68 -20.01
N TYR B 287 -4.65 25.39 -20.08
CA TYR B 287 -3.79 24.33 -19.51
C TYR B 287 -3.61 23.14 -20.42
N PRO B 288 -2.54 22.38 -20.23
CA PRO B 288 -2.36 21.24 -21.13
C PRO B 288 -3.23 20.06 -20.70
N VAL B 289 -4.54 20.27 -20.63
CA VAL B 289 -5.47 19.19 -20.30
C VAL B 289 -5.84 18.38 -21.52
N VAL B 290 -5.47 17.10 -21.53
CA VAL B 290 -5.69 16.33 -22.75
C VAL B 290 -6.81 15.30 -22.57
N SER B 291 -7.39 15.23 -21.37
CA SER B 291 -8.35 14.17 -21.08
C SER B 291 -9.23 14.59 -19.93
N ILE B 292 -10.54 14.44 -20.11
CA ILE B 292 -11.48 14.72 -19.02
C ILE B 292 -12.42 13.54 -18.88
N GLU B 293 -12.51 13.01 -17.66
CA GLU B 293 -13.32 11.87 -17.33
C GLU B 293 -14.58 12.31 -16.58
N ASP B 294 -15.70 11.65 -16.87
CA ASP B 294 -17.00 12.03 -16.28
C ASP B 294 -17.25 13.54 -16.14
N PRO B 295 -17.18 14.26 -17.29
CA PRO B 295 -17.48 15.71 -17.24
C PRO B 295 -18.93 16.06 -16.84
N PHE B 296 -19.84 15.11 -17.05
CA PHE B 296 -21.25 15.37 -16.72
C PHE B 296 -21.84 14.16 -16.00
N ASP B 297 -23.05 14.32 -15.49
CA ASP B 297 -23.71 13.26 -14.72
C ASP B 297 -23.90 11.98 -15.53
N GLN B 298 -23.87 10.85 -14.84
CA GLN B 298 -24.04 9.54 -15.48
C GLN B 298 -25.34 9.34 -16.26
N ASP B 299 -26.31 10.25 -16.09
CA ASP B 299 -27.59 10.21 -16.83
C ASP B 299 -27.78 11.39 -17.78
N ASP B 300 -26.85 12.34 -17.78
CA ASP B 300 -26.99 13.57 -18.56
C ASP B 300 -26.43 13.43 -19.98
N TRP B 301 -27.02 12.50 -20.72
CA TRP B 301 -26.49 12.12 -22.02
C TRP B 301 -26.34 13.29 -23.02
N ALA B 302 -27.31 14.22 -23.00
CA ALA B 302 -27.31 15.31 -23.94
C ALA B 302 -26.08 16.19 -23.72
N ALA B 303 -25.73 16.39 -22.45
CA ALA B 303 -24.58 17.25 -22.15
C ALA B 303 -23.24 16.60 -22.61
N TRP B 304 -23.14 15.29 -22.43
CA TRP B 304 -22.00 14.53 -22.92
C TRP B 304 -21.86 14.68 -24.44
N SER B 305 -22.92 14.35 -25.16
CA SER B 305 -22.84 14.32 -26.64
C SER B 305 -22.47 15.69 -27.22
N LYS B 306 -23.01 16.72 -26.60
CA LYS B 306 -22.76 18.08 -27.03
C LYS B 306 -21.31 18.50 -26.80
N PHE B 307 -20.81 18.21 -25.62
CA PHE B 307 -19.47 18.57 -25.29
C PHE B 307 -18.45 17.82 -26.14
N THR B 308 -18.63 16.50 -26.23
CA THR B 308 -17.69 15.70 -26.98
C THR B 308 -17.59 16.14 -28.47
N ALA B 309 -18.70 16.58 -29.02
CA ALA B 309 -18.73 17.01 -30.41
C ALA B 309 -18.04 18.33 -30.61
N ASN B 310 -17.77 19.04 -29.52
CA ASN B 310 -17.19 20.39 -29.59
C ASN B 310 -15.74 20.48 -29.09
N VAL B 311 -15.13 19.32 -28.84
CA VAL B 311 -13.74 19.32 -28.41
C VAL B 311 -12.92 18.27 -29.14
N GLY B 312 -11.59 18.36 -29.05
CA GLY B 312 -10.73 17.35 -29.64
C GLY B 312 -10.01 16.48 -28.59
N ILE B 313 -10.23 16.75 -27.30
CA ILE B 313 -9.54 15.98 -26.25
C ILE B 313 -10.21 14.65 -26.00
N GLN B 314 -9.53 13.82 -25.22
CA GLN B 314 -10.11 12.55 -24.82
C GLN B 314 -11.25 12.79 -23.81
N ILE B 315 -12.39 12.14 -24.04
CA ILE B 315 -13.53 12.22 -23.12
C ILE B 315 -13.88 10.83 -22.63
N VAL B 316 -13.70 10.62 -21.32
CA VAL B 316 -13.72 9.29 -20.72
C VAL B 316 -15.02 8.96 -19.96
N GLY B 317 -15.66 7.87 -20.34
CA GLY B 317 -16.82 7.38 -19.60
C GLY B 317 -16.34 6.49 -18.44
N ASP B 318 -16.78 6.82 -17.22
CA ASP B 318 -16.53 5.98 -16.05
C ASP B 318 -17.91 5.59 -15.43
N ASP B 319 -18.50 6.51 -14.68
CA ASP B 319 -19.81 6.22 -14.16
C ASP B 319 -20.88 6.16 -15.28
N LEU B 320 -20.61 6.82 -16.40
CA LEU B 320 -21.50 6.81 -17.54
C LEU B 320 -21.66 5.39 -18.08
N THR B 321 -20.54 4.72 -18.22
CA THR B 321 -20.48 3.46 -18.96
C THR B 321 -20.36 2.22 -18.11
N VAL B 322 -19.90 2.42 -16.86
CA VAL B 322 -19.58 1.34 -15.91
C VAL B 322 -19.13 0.02 -16.56
N THR B 323 -18.18 0.11 -17.48
CA THR B 323 -17.54 -1.10 -18.02
C THR B 323 -18.60 -2.13 -18.49
N ASN B 324 -19.72 -1.60 -18.97
CA ASN B 324 -20.92 -2.40 -19.24
C ASN B 324 -21.31 -2.28 -20.72
N PRO B 325 -21.19 -3.38 -21.48
CA PRO B 325 -21.42 -3.40 -22.94
C PRO B 325 -22.70 -2.69 -23.35
N LYS B 326 -23.77 -2.90 -22.60
CA LYS B 326 -25.06 -2.27 -22.87
C LYS B 326 -25.00 -0.75 -22.85
N ARG B 327 -24.38 -0.21 -21.81
CA ARG B 327 -24.32 1.24 -21.67
C ARG B 327 -23.29 1.83 -22.66
N ILE B 328 -22.27 1.05 -22.95
CA ILE B 328 -21.25 1.48 -23.91
C ILE B 328 -21.91 1.61 -25.30
N GLU B 329 -22.72 0.62 -25.68
CA GLU B 329 -23.37 0.70 -27.02
C GLU B 329 -24.23 1.96 -27.12
N ARG B 330 -24.91 2.31 -26.03
CA ARG B 330 -25.67 3.55 -26.07
C ARG B 330 -24.73 4.74 -26.21
N ALA B 331 -23.61 4.71 -25.47
CA ALA B 331 -22.65 5.83 -25.55
C ALA B 331 -22.07 5.96 -26.95
N VAL B 332 -21.83 4.79 -27.57
CA VAL B 332 -21.29 4.77 -28.92
C VAL B 332 -22.27 5.47 -29.86
N GLU B 333 -23.52 5.04 -29.77
CA GLU B 333 -24.61 5.54 -30.61
C GLU B 333 -24.80 7.03 -30.51
N GLU B 334 -24.78 7.55 -29.29
CA GLU B 334 -24.98 8.97 -29.10
C GLU B 334 -23.68 9.77 -29.13
N LYS B 335 -22.57 9.09 -29.39
CA LYS B 335 -21.24 9.74 -29.38
C LYS B 335 -21.07 10.57 -28.11
N ALA B 336 -21.32 9.92 -26.97
CA ALA B 336 -21.31 10.66 -25.69
C ALA B 336 -19.87 10.91 -25.25
N CYS B 337 -19.00 9.99 -25.63
CA CYS B 337 -17.59 10.04 -25.17
C CYS B 337 -16.74 9.30 -26.18
N ASN B 338 -15.42 9.25 -26.00
CA ASN B 338 -14.56 8.56 -26.96
C ASN B 338 -13.48 7.68 -26.25
N CYS B 339 -13.70 7.41 -24.97
CA CYS B 339 -12.79 6.57 -24.21
C CYS B 339 -13.56 5.90 -23.08
N LEU B 340 -13.26 4.63 -22.86
CA LEU B 340 -13.89 3.86 -21.79
C LEU B 340 -12.91 3.69 -20.63
N LEU B 341 -13.37 3.98 -19.41
CA LEU B 341 -12.56 3.68 -18.19
C LEU B 341 -12.90 2.25 -17.82
N LEU B 342 -11.89 1.38 -17.82
CA LEU B 342 -12.14 -0.04 -17.68
C LEU B 342 -11.93 -0.48 -16.22
N LYS B 343 -13.02 -0.77 -15.51
CA LYS B 343 -12.96 -1.26 -14.11
C LYS B 343 -13.59 -2.64 -14.02
N VAL B 344 -12.78 -3.68 -13.87
CA VAL B 344 -13.32 -5.06 -13.88
C VAL B 344 -14.46 -5.26 -12.84
N ASN B 345 -14.40 -4.60 -11.69
CA ASN B 345 -15.42 -4.82 -10.65
C ASN B 345 -16.67 -3.99 -10.87
N GLN B 346 -16.66 -3.14 -11.90
CA GLN B 346 -17.94 -2.45 -12.27
C GLN B 346 -18.96 -3.38 -12.99
N ILE B 347 -18.42 -4.43 -13.60
CA ILE B 347 -19.26 -5.34 -14.36
C ILE B 347 -19.16 -6.75 -13.71
N GLY B 348 -17.99 -7.12 -13.16
CA GLY B 348 -17.97 -8.30 -12.30
C GLY B 348 -17.33 -9.58 -12.86
N SER B 349 -16.76 -9.54 -14.06
CA SER B 349 -15.99 -10.70 -14.52
C SER B 349 -14.96 -10.27 -15.54
N VAL B 350 -13.92 -11.07 -15.68
CA VAL B 350 -12.88 -10.79 -16.67
C VAL B 350 -13.39 -10.89 -18.11
N THR B 351 -14.20 -11.90 -18.39
CA THR B 351 -14.75 -12.06 -19.76
C THR B 351 -15.56 -10.83 -20.17
N GLU B 352 -16.46 -10.38 -19.31
CA GLU B 352 -17.27 -9.21 -19.62
C GLU B 352 -16.48 -7.91 -19.74
N ALA B 353 -15.42 -7.79 -18.95
CA ALA B 353 -14.56 -6.60 -19.03
C ALA B 353 -13.78 -6.57 -20.35
N ILE B 354 -13.28 -7.74 -20.75
CA ILE B 354 -12.56 -7.83 -22.01
C ILE B 354 -13.53 -7.53 -23.19
N GLN B 355 -14.76 -8.00 -23.07
CA GLN B 355 -15.78 -7.71 -24.09
C GLN B 355 -16.06 -6.21 -24.15
N ALA B 356 -16.15 -5.57 -22.98
CA ALA B 356 -16.38 -4.12 -22.92
C ALA B 356 -15.25 -3.37 -23.60
N CYS B 357 -14.02 -3.81 -23.34
CA CYS B 357 -12.84 -3.23 -23.93
C CYS B 357 -12.85 -3.37 -25.49
N LYS B 358 -13.14 -4.57 -25.98
CA LYS B 358 -13.20 -4.83 -27.43
C LYS B 358 -14.31 -4.02 -28.10
N LEU B 359 -15.47 -3.93 -27.44
CA LEU B 359 -16.57 -3.13 -27.97
C LEU B 359 -16.18 -1.68 -28.09
N ALA B 360 -15.49 -1.18 -27.08
CA ALA B 360 -14.95 0.18 -27.14
C ALA B 360 -13.95 0.35 -28.28
N GLN B 361 -12.98 -0.57 -28.35
CA GLN B 361 -11.88 -0.38 -29.31
C GLN B 361 -12.33 -0.51 -30.78
N GLU B 362 -13.27 -1.43 -31.00
CA GLU B 362 -13.88 -1.63 -32.32
C GLU B 362 -14.60 -0.40 -32.81
N ASN B 363 -15.03 0.47 -31.89
CA ASN B 363 -15.74 1.68 -32.24
C ASN B 363 -14.86 2.90 -32.20
N GLY B 364 -13.55 2.66 -32.23
CA GLY B 364 -12.59 3.74 -32.29
C GLY B 364 -12.28 4.44 -30.98
N TRP B 365 -12.77 3.89 -29.87
CA TRP B 365 -12.53 4.53 -28.57
C TRP B 365 -11.17 4.20 -28.02
N GLY B 366 -10.60 5.09 -27.21
CA GLY B 366 -9.49 4.69 -26.34
C GLY B 366 -10.03 3.87 -25.14
N VAL B 367 -9.14 3.19 -24.41
CA VAL B 367 -9.51 2.50 -23.18
C VAL B 367 -8.46 2.78 -22.10
N MET B 368 -8.89 3.23 -20.92
CA MET B 368 -7.96 3.47 -19.81
C MET B 368 -8.31 2.52 -18.67
N VAL B 369 -7.44 1.59 -18.39
CA VAL B 369 -7.65 0.65 -17.34
C VAL B 369 -7.52 1.40 -16.02
N SER B 370 -8.26 1.02 -15.02
CA SER B 370 -8.25 1.75 -13.76
C SER B 370 -8.45 0.98 -12.46
N HIS B 371 -7.90 1.54 -11.40
CA HIS B 371 -8.02 1.06 -10.05
C HIS B 371 -9.35 1.52 -9.49
N ARG B 372 -9.59 1.23 -8.23
CA ARG B 372 -10.71 1.74 -7.46
C ARG B 372 -10.03 2.48 -6.25
N SER B 373 -10.75 3.37 -5.59
CA SER B 373 -10.22 4.05 -4.40
C SER B 373 -9.77 3.00 -3.36
N GLY B 374 -10.54 1.96 -3.19
CA GLY B 374 -10.22 0.87 -2.31
C GLY B 374 -9.50 -0.22 -3.09
N GLU B 375 -8.20 -0.36 -2.90
CA GLU B 375 -7.42 -1.35 -3.64
C GLU B 375 -6.79 -2.35 -2.70
N THR B 376 -6.08 -3.31 -3.27
CA THR B 376 -5.36 -4.28 -2.49
C THR B 376 -3.97 -4.41 -3.07
N GLU B 377 -3.20 -5.33 -2.51
CA GLU B 377 -1.85 -5.64 -2.99
C GLU B 377 -1.89 -6.43 -4.32
N ASP B 378 -3.09 -6.76 -4.75
CA ASP B 378 -3.26 -7.43 -6.06
C ASP B 378 -2.74 -6.57 -7.23
N THR B 379 -2.10 -7.20 -8.22
CA THR B 379 -1.58 -6.44 -9.37
C THR B 379 -2.15 -6.89 -10.73
N PHE B 380 -3.28 -7.58 -10.72
CA PHE B 380 -3.94 -8.04 -11.94
C PHE B 380 -4.08 -6.95 -13.04
N ILE B 381 -4.51 -5.74 -12.71
CA ILE B 381 -4.76 -4.75 -13.77
C ILE B 381 -3.49 -4.31 -14.46
N ALA B 382 -2.34 -4.56 -13.85
CA ALA B 382 -1.06 -4.26 -14.57
C ALA B 382 -0.89 -5.20 -15.78
N ASP B 383 -1.08 -6.48 -15.54
CA ASP B 383 -1.05 -7.41 -16.65
C ASP B 383 -2.21 -7.17 -17.61
N LEU B 384 -3.38 -6.83 -17.07
CA LEU B 384 -4.57 -6.54 -17.90
C LEU B 384 -4.34 -5.40 -18.90
N VAL B 385 -3.79 -4.28 -18.46
CA VAL B 385 -3.64 -3.15 -19.38
C VAL B 385 -2.62 -3.43 -20.51
N VAL B 386 -1.62 -4.24 -20.18
CA VAL B 386 -0.65 -4.64 -21.19
C VAL B 386 -1.28 -5.65 -22.21
N GLY B 387 -1.94 -6.68 -21.68
CA GLY B 387 -2.55 -7.70 -22.50
C GLY B 387 -3.62 -7.13 -23.41
N LEU B 388 -4.36 -6.13 -22.91
CA LEU B 388 -5.41 -5.48 -23.68
C LEU B 388 -4.86 -4.37 -24.54
N CYS B 389 -3.56 -4.07 -24.37
CA CYS B 389 -2.88 -3.09 -25.21
CA CYS B 389 -2.89 -3.11 -25.24
C CYS B 389 -3.60 -1.77 -25.33
N THR B 390 -4.13 -1.27 -24.21
CA THR B 390 -4.96 -0.07 -24.29
C THR B 390 -4.12 1.20 -24.31
N GLY B 391 -2.90 1.12 -23.83
CA GLY B 391 -2.01 2.27 -23.88
C GLY B 391 -2.09 3.28 -22.73
N GLN B 392 -3.02 3.08 -21.82
CA GLN B 392 -3.19 3.97 -20.68
C GLN B 392 -3.80 3.35 -19.43
N ILE B 393 -3.24 3.71 -18.29
CA ILE B 393 -3.70 3.24 -17.00
C ILE B 393 -3.64 4.33 -15.91
N LYS B 394 -4.65 4.34 -15.06
CA LYS B 394 -4.65 5.21 -13.92
C LYS B 394 -4.75 4.27 -12.73
N THR B 395 -3.72 4.28 -11.91
CA THR B 395 -3.70 3.44 -10.75
C THR B 395 -3.11 4.06 -9.50
N GLY B 396 -3.30 5.35 -9.36
CA GLY B 396 -2.90 6.05 -8.15
C GLY B 396 -1.77 7.05 -8.37
N ALA B 397 -1.51 7.90 -7.35
CA ALA B 397 -0.26 8.67 -7.24
C ALA B 397 0.88 7.67 -7.09
N PRO B 398 2.13 8.11 -7.30
CA PRO B 398 3.25 7.19 -7.04
C PRO B 398 3.53 7.18 -5.52
N CYS B 399 2.53 6.74 -4.76
CA CYS B 399 2.59 6.77 -3.31
C CYS B 399 1.51 5.83 -2.79
N ARG B 400 1.86 5.02 -1.75
CA ARG B 400 0.98 3.94 -1.19
C ARG B 400 1.13 2.69 -2.04
N SER B 401 1.51 1.56 -1.44
CA SER B 401 1.90 0.40 -2.27
C SER B 401 0.74 -0.34 -2.90
N GLU B 402 -0.53 -0.08 -2.51
CA GLU B 402 -1.61 -0.64 -3.34
C GLU B 402 -1.60 0.07 -4.73
N ARG B 403 -0.90 1.19 -4.85
CA ARG B 403 -0.75 1.89 -6.10
C ARG B 403 0.56 1.41 -6.78
N LEU B 404 1.68 1.58 -6.07
CA LEU B 404 2.99 1.19 -6.55
C LEU B 404 3.07 -0.29 -6.91
N ALA B 405 2.25 -1.15 -6.33
CA ALA B 405 2.32 -2.57 -6.68
C ALA B 405 2.07 -2.71 -8.16
N LYS B 406 1.10 -1.98 -8.65
CA LYS B 406 0.76 -2.00 -10.10
C LYS B 406 1.87 -1.39 -10.96
N TYR B 407 2.32 -0.20 -10.58
CA TYR B 407 3.37 0.48 -11.33
C TYR B 407 4.65 -0.32 -11.28
N ASN B 408 5.00 -0.89 -10.12
CA ASN B 408 6.19 -1.74 -10.06
C ASN B 408 6.03 -2.96 -10.96
N GLN B 409 4.84 -3.56 -10.98
CA GLN B 409 4.60 -4.74 -11.85
C GLN B 409 4.73 -4.37 -13.36
N LEU B 410 4.29 -3.17 -13.72
CA LEU B 410 4.46 -2.73 -15.09
C LEU B 410 5.95 -2.57 -15.45
N MET B 411 6.77 -2.10 -14.51
CA MET B 411 8.21 -2.01 -14.75
C MET B 411 8.81 -3.40 -14.93
N ARG B 412 8.38 -4.39 -14.13
CA ARG B 412 8.83 -5.78 -14.33
C ARG B 412 8.38 -6.34 -15.71
N ILE B 413 7.14 -6.03 -16.11
CA ILE B 413 6.65 -6.50 -17.39
C ILE B 413 7.48 -5.89 -18.54
N GLU B 414 7.78 -4.61 -18.41
CA GLU B 414 8.58 -3.93 -19.41
C GLU B 414 9.95 -4.59 -19.53
N GLU B 415 10.55 -4.87 -18.38
CA GLU B 415 11.85 -5.53 -18.33
C GLU B 415 11.78 -6.90 -18.99
N GLU B 416 10.74 -7.66 -18.67
CA GLU B 416 10.58 -9.02 -19.21
C GLU B 416 10.37 -9.04 -20.76
N LEU B 417 9.67 -8.06 -21.30
CA LEU B 417 9.47 -7.97 -22.74
C LEU B 417 10.76 -7.57 -23.44
N GLY B 418 11.67 -6.95 -22.70
CA GLY B 418 12.98 -6.62 -23.23
C GLY B 418 12.92 -5.75 -24.46
N ASP B 419 13.74 -6.09 -25.46
CA ASP B 419 13.84 -5.33 -26.72
C ASP B 419 12.52 -5.11 -27.45
N GLU B 420 11.53 -5.93 -27.12
CA GLU B 420 10.25 -5.87 -27.78
C GLU B 420 9.30 -4.89 -27.03
N ALA B 421 9.81 -4.24 -25.98
CA ALA B 421 8.95 -3.33 -25.22
C ALA B 421 8.72 -2.02 -25.99
N ARG B 422 7.46 -1.72 -26.26
CA ARG B 422 7.07 -0.42 -26.80
C ARG B 422 6.25 0.34 -25.75
N PHE B 423 6.51 1.63 -25.61
CA PHE B 423 5.82 2.51 -24.69
C PHE B 423 4.83 3.35 -25.50
N ALA B 424 3.58 3.43 -25.04
CA ALA B 424 2.55 4.10 -25.82
C ALA B 424 2.89 5.56 -26.09
N GLY B 425 3.48 6.22 -25.11
CA GLY B 425 3.86 7.62 -25.24
C GLY B 425 2.76 8.52 -25.77
N HIS B 426 3.05 9.29 -26.84
CA HIS B 426 2.08 10.24 -27.38
C HIS B 426 0.92 9.56 -28.08
N ASN B 427 1.03 8.25 -28.31
CA ASN B 427 -0.07 7.51 -28.90
C ASN B 427 -0.94 6.80 -27.87
N PHE B 428 -0.98 7.32 -26.63
CA PHE B 428 -1.74 6.63 -25.57
C PHE B 428 -3.24 6.50 -25.88
N ARG B 429 -3.81 7.46 -26.61
CA ARG B 429 -5.24 7.38 -26.96
C ARG B 429 -5.48 6.33 -28.01
N ASN B 430 -4.52 6.18 -28.91
CA ASN B 430 -4.68 5.35 -30.10
C ASN B 430 -3.42 4.50 -30.37
N PRO B 431 -3.22 3.45 -29.55
CA PRO B 431 -1.97 2.67 -29.58
C PRO B 431 -1.89 1.63 -30.70
N SER B 432 -3.02 1.23 -31.27
CA SER B 432 -3.04 0.17 -32.29
C SER B 432 -2.28 0.54 -33.57
N VAL B 433 -1.82 1.79 -33.68
CA VAL B 433 -1.01 2.21 -34.82
C VAL B 433 0.46 1.83 -34.64
N LEU B 434 0.76 1.13 -33.54
CA LEU B 434 2.12 0.71 -33.23
C LEU B 434 2.35 -0.80 -33.40
#